data_4BO2
#
_entry.id   4BO2
#
_cell.length_a   58.550
_cell.length_b   108.920
_cell.length_c   149.720
_cell.angle_alpha   90.00
_cell.angle_beta   90.00
_cell.angle_gamma   90.00
#
_symmetry.space_group_name_H-M   'P 21 21 21'
#
loop_
_entity.id
_entity.type
_entity.pdbx_description
1 polymer '3-OXOACYL-[ACYL-CARRIER-PROTEIN] REDUCTASE FABG'
2 non-polymer 1-(1-ethylbenzimidazol-2-yl)-3-(2-methoxyphenyl)urea
3 water water
#
_entity_poly.entity_id   1
_entity_poly.type   'polypeptide(L)'
_entity_poly.pdbx_seq_one_letter_code
;MHHHHHHSSGVDLGTENLYFQSMSLQGKVALVTGASRGIGQAIALELGRLGAVVIGTATSASGAEKIAETLKANGVEGAG
LVLDVSSDESVAATLEHIQQHLGQPLIVVNNAGITRDNLLVRMKDDEWFDVVNTNLNSLYRLSKAVLRGMTKARWGRIIN
IGSVVGAMGNAGQTNYAAAKAGLEGFTRALAREVGSRAITVNAVAPGFIDTDMTRELPEAQREALLGQIPLGRLGQAEEI
AKVVGFLASDGAAYVTGATVPVNGGMYMS
;
_entity_poly.pdbx_strand_id   A,B,C,D
#
loop_
_chem_comp.id
_chem_comp.type
_chem_comp.name
_chem_comp.formula
36K non-polymer 1-(1-ethylbenzimidazol-2-yl)-3-(2-methoxyphenyl)urea 'C17 H18 N4 O2'
#
# COMPACT_ATOMS: atom_id res chain seq x y z
N TYR A 19 8.24 33.00 -5.24
CA TYR A 19 7.93 34.23 -5.99
C TYR A 19 6.36 34.37 -6.16
N PHE A 20 5.90 35.32 -6.95
CA PHE A 20 4.46 35.52 -7.25
C PHE A 20 3.82 34.35 -8.00
N GLN A 21 2.56 34.08 -7.66
CA GLN A 21 1.84 32.92 -8.21
C GLN A 21 1.80 32.92 -9.70
N SER A 22 1.58 34.05 -10.37
CA SER A 22 1.45 34.01 -11.86
C SER A 22 2.83 33.95 -12.61
N MET A 23 3.88 33.81 -11.81
CA MET A 23 5.21 33.64 -12.28
C MET A 23 5.61 32.17 -12.13
N SER A 24 4.79 31.35 -11.46
CA SER A 24 5.26 30.00 -11.07
C SER A 24 5.66 29.23 -12.32
N LEU A 25 4.91 29.34 -13.42
CA LEU A 25 5.19 28.58 -14.64
C LEU A 25 5.51 29.42 -15.85
N GLN A 26 5.89 30.69 -15.63
CA GLN A 26 6.17 31.60 -16.75
C GLN A 26 7.30 30.98 -17.58
N GLY A 27 7.17 31.03 -18.88
CA GLY A 27 8.15 30.42 -19.76
C GLY A 27 7.89 28.97 -20.10
N LYS A 28 6.85 28.34 -19.53
CA LYS A 28 6.60 26.92 -19.82
C LYS A 28 5.40 26.77 -20.71
N VAL A 29 5.43 25.76 -21.56
CA VAL A 29 4.30 25.33 -22.41
C VAL A 29 3.73 24.04 -21.80
N ALA A 30 2.45 24.10 -21.46
CA ALA A 30 1.74 23.00 -20.85
C ALA A 30 0.75 22.43 -21.87
N LEU A 31 0.74 21.10 -22.01
CA LEU A 31 -0.27 20.37 -22.78
C LEU A 31 -1.25 19.71 -21.79
N VAL A 32 -2.53 20.00 -21.91
CA VAL A 32 -3.56 19.43 -21.07
C VAL A 32 -4.61 18.72 -21.96
N THR A 33 -4.71 17.40 -21.88
CA THR A 33 -5.61 16.63 -22.72
C THR A 33 -6.96 16.63 -22.11
N GLY A 34 -7.99 16.71 -22.93
CA GLY A 34 -9.35 16.69 -22.41
C GLY A 34 -9.74 17.96 -21.69
N ALA A 35 -9.50 19.12 -22.29
CA ALA A 35 -9.60 20.35 -21.57
C ALA A 35 -10.86 21.17 -21.86
N SER A 36 -11.85 20.65 -22.60
CA SER A 36 -13.01 21.47 -22.97
C SER A 36 -14.06 21.64 -21.84
N ARG A 37 -14.01 20.82 -20.81
CA ARG A 37 -14.93 20.97 -19.66
C ARG A 37 -14.32 20.36 -18.41
N GLY A 38 -14.99 20.54 -17.27
CA GLY A 38 -14.69 19.75 -16.09
C GLY A 38 -13.29 19.88 -15.53
N ILE A 39 -12.74 18.75 -15.06
CA ILE A 39 -11.45 18.72 -14.40
C ILE A 39 -10.41 19.26 -15.38
N GLY A 40 -10.42 18.76 -16.61
CA GLY A 40 -9.42 19.18 -17.63
C GLY A 40 -9.44 20.70 -17.88
N GLN A 41 -10.64 21.28 -18.02
CA GLN A 41 -10.71 22.73 -18.21
C GLN A 41 -10.14 23.46 -16.98
N ALA A 42 -10.47 22.99 -15.76
CA ALA A 42 -10.00 23.68 -14.56
C ALA A 42 -8.46 23.64 -14.44
N ILE A 43 -7.89 22.52 -14.84
CA ILE A 43 -6.45 22.41 -14.92
C ILE A 43 -5.88 23.39 -15.91
N ALA A 44 -6.47 23.45 -17.10
CA ALA A 44 -5.99 24.38 -18.11
C ALA A 44 -6.00 25.81 -17.57
N LEU A 45 -7.09 26.24 -16.96
CA LEU A 45 -7.18 27.57 -16.41
C LEU A 45 -6.21 27.81 -15.28
N GLU A 46 -6.00 26.80 -14.42
CA GLU A 46 -5.06 26.97 -13.30
C GLU A 46 -3.61 27.06 -13.78
N LEU A 47 -3.24 26.27 -14.78
CA LEU A 47 -1.87 26.36 -15.27
C LEU A 47 -1.65 27.72 -15.97
N GLY A 48 -2.69 28.21 -16.65
CA GLY A 48 -2.66 29.52 -17.26
C GLY A 48 -2.48 30.63 -16.23
N ARG A 49 -3.25 30.58 -15.15
CA ARG A 49 -3.13 31.55 -14.10
C ARG A 49 -1.75 31.56 -13.45
N LEU A 50 -1.13 30.40 -13.37
CA LEU A 50 0.25 30.28 -12.91
C LEU A 50 1.31 30.67 -13.96
N GLY A 51 0.88 31.10 -15.13
CA GLY A 51 1.76 31.71 -16.11
C GLY A 51 2.21 30.86 -17.25
N ALA A 52 1.75 29.63 -17.36
CA ALA A 52 2.11 28.81 -18.53
C ALA A 52 1.39 29.26 -19.79
N VAL A 53 2.02 28.96 -20.94
CA VAL A 53 1.31 28.91 -22.20
C VAL A 53 0.62 27.54 -22.27
N VAL A 54 -0.68 27.53 -22.54
CA VAL A 54 -1.46 26.33 -22.41
C VAL A 54 -2.07 25.87 -23.73
N ILE A 55 -1.79 24.62 -24.11
CA ILE A 55 -2.53 23.90 -25.14
C ILE A 55 -3.46 22.83 -24.57
N GLY A 56 -4.76 23.08 -24.71
CA GLY A 56 -5.78 22.17 -24.32
C GLY A 56 -6.27 21.37 -25.51
N THR A 57 -6.63 20.11 -25.28
CA THR A 57 -7.15 19.28 -26.36
C THR A 57 -8.56 18.74 -26.16
N ALA A 58 -9.21 18.46 -27.28
CA ALA A 58 -10.53 17.84 -27.29
C ALA A 58 -10.54 16.87 -28.46
N THR A 59 -11.58 16.05 -28.51
CA THR A 59 -11.69 15.06 -29.58
C THR A 59 -12.42 15.64 -30.78
N SER A 60 -13.01 16.82 -30.66
CA SER A 60 -13.66 17.43 -31.83
C SER A 60 -13.17 18.87 -32.07
N ALA A 61 -13.39 19.31 -33.29
CA ALA A 61 -13.03 20.65 -33.71
C ALA A 61 -13.75 21.71 -32.88
N SER A 62 -15.03 21.51 -32.58
CA SER A 62 -15.75 22.51 -31.81
C SER A 62 -15.25 22.56 -30.37
N GLY A 63 -14.93 21.41 -29.79
CA GLY A 63 -14.26 21.35 -28.48
C GLY A 63 -12.96 22.15 -28.48
N ALA A 64 -12.18 21.97 -29.53
CA ALA A 64 -10.91 22.65 -29.62
C ALA A 64 -11.10 24.14 -29.69
N GLU A 65 -12.10 24.53 -30.44
CA GLU A 65 -12.39 25.95 -30.57
C GLU A 65 -12.91 26.54 -29.27
N LYS A 66 -13.78 25.81 -28.59
CA LYS A 66 -14.27 26.27 -27.27
C LYS A 66 -13.07 26.48 -26.32
N ILE A 67 -12.11 25.56 -26.36
CA ILE A 67 -10.92 25.65 -25.50
C ILE A 67 -10.17 26.91 -25.80
N ALA A 68 -9.96 27.16 -27.09
CA ALA A 68 -9.26 28.39 -27.52
C ALA A 68 -9.95 29.65 -27.04
N GLU A 69 -11.27 29.68 -27.13
CA GLU A 69 -12.03 30.84 -26.62
C GLU A 69 -11.97 31.03 -25.11
N THR A 70 -12.05 29.92 -24.38
CA THR A 70 -12.03 29.96 -22.90
C THR A 70 -10.70 30.45 -22.42
N LEU A 71 -9.63 30.03 -23.09
CA LEU A 71 -8.32 30.52 -22.74
C LEU A 71 -8.25 32.04 -22.92
N LYS A 72 -8.70 32.51 -24.08
CA LYS A 72 -8.65 33.94 -24.39
C LYS A 72 -9.48 34.74 -23.40
N ALA A 73 -10.70 34.33 -23.12
CA ALA A 73 -11.52 35.00 -22.16
C ALA A 73 -10.83 35.17 -20.79
N ASN A 74 -10.01 34.20 -20.39
CA ASN A 74 -9.32 34.25 -19.08
C ASN A 74 -7.90 34.80 -19.16
N GLY A 75 -7.53 35.34 -20.30
CA GLY A 75 -6.24 35.94 -20.43
C GLY A 75 -5.10 34.94 -20.45
N VAL A 76 -5.38 33.72 -20.91
CA VAL A 76 -4.33 32.74 -21.05
C VAL A 76 -3.88 32.58 -22.49
N GLU A 77 -2.62 32.72 -22.75
CA GLU A 77 -2.06 32.42 -24.06
C GLU A 77 -2.03 30.92 -24.31
N GLY A 78 -2.39 30.50 -25.50
CA GLY A 78 -2.22 29.13 -25.91
C GLY A 78 -3.27 28.84 -26.96
N ALA A 79 -3.66 27.58 -27.04
CA ALA A 79 -4.38 27.04 -28.21
C ALA A 79 -5.24 25.88 -27.84
N GLY A 80 -6.26 25.65 -28.65
CA GLY A 80 -7.06 24.46 -28.54
C GLY A 80 -6.81 23.60 -29.73
N LEU A 81 -6.66 22.30 -29.50
CA LEU A 81 -6.32 21.35 -30.58
CA LEU A 81 -6.31 21.38 -30.57
C LEU A 81 -7.14 20.08 -30.49
N VAL A 82 -7.30 19.41 -31.63
CA VAL A 82 -7.95 18.13 -31.71
C VAL A 82 -6.93 17.02 -31.52
N LEU A 83 -7.18 16.16 -30.54
CA LEU A 83 -6.27 15.04 -30.23
C LEU A 83 -7.05 13.81 -29.81
N ASP A 84 -6.63 12.69 -30.34
CA ASP A 84 -7.17 11.37 -30.01
C ASP A 84 -5.97 10.54 -29.50
N VAL A 85 -5.88 10.41 -28.17
CA VAL A 85 -4.71 9.81 -27.53
C VAL A 85 -4.56 8.32 -27.80
N SER A 86 -5.61 7.71 -28.36
CA SER A 86 -5.56 6.29 -28.77
C SER A 86 -4.93 6.09 -30.14
N SER A 87 -4.57 7.16 -30.85
CA SER A 87 -4.04 7.07 -32.18
C SER A 87 -2.58 7.58 -32.30
N ASP A 88 -1.66 6.71 -32.74
CA ASP A 88 -0.28 7.13 -32.99
C ASP A 88 -0.15 8.29 -33.95
N GLU A 89 -0.99 8.30 -34.97
CA GLU A 89 -0.93 9.33 -35.98
C GLU A 89 -1.41 10.69 -35.40
N SER A 90 -2.50 10.66 -34.64
CA SER A 90 -3.02 11.89 -34.03
C SER A 90 -1.98 12.44 -33.06
N VAL A 91 -1.40 11.55 -32.26
CA VAL A 91 -0.39 11.98 -31.31
C VAL A 91 0.79 12.62 -32.04
N ALA A 92 1.36 11.94 -33.01
CA ALA A 92 2.58 12.46 -33.66
C ALA A 92 2.32 13.81 -34.39
N ALA A 93 1.15 13.90 -35.03
CA ALA A 93 0.75 15.08 -35.78
C ALA A 93 0.53 16.25 -34.84
N THR A 94 -0.19 15.99 -33.76
CA THR A 94 -0.47 17.01 -32.80
C THR A 94 0.80 17.59 -32.19
N LEU A 95 1.74 16.73 -31.83
CA LEU A 95 2.97 17.20 -31.19
C LEU A 95 3.84 17.98 -32.18
N GLU A 96 3.87 17.54 -33.44
CA GLU A 96 4.59 18.29 -34.47
C GLU A 96 3.97 19.67 -34.65
N HIS A 97 2.63 19.76 -34.74
CA HIS A 97 1.91 21.06 -34.77
C HIS A 97 2.36 21.97 -33.63
N ILE A 98 2.36 21.44 -32.40
CA ILE A 98 2.70 22.26 -31.24
C ILE A 98 4.13 22.74 -31.31
N GLN A 99 5.04 21.83 -31.64
CA GLN A 99 6.47 22.16 -31.73
C GLN A 99 6.72 23.34 -32.66
N GLN A 100 6.14 23.25 -33.86
CA GLN A 100 6.36 24.24 -34.89
C GLN A 100 5.79 25.60 -34.50
N HIS A 101 4.63 25.62 -33.86
CA HIS A 101 3.92 26.88 -33.65
C HIS A 101 4.06 27.44 -32.26
N LEU A 102 4.09 26.61 -31.22
CA LEU A 102 4.21 27.15 -29.84
C LEU A 102 5.46 26.82 -29.09
N GLY A 103 6.16 25.75 -29.44
CA GLY A 103 7.30 25.30 -28.63
C GLY A 103 7.10 23.92 -28.01
N GLN A 104 8.09 23.47 -27.28
CA GLN A 104 8.14 22.11 -26.77
C GLN A 104 7.29 22.06 -25.48
N PRO A 105 6.25 21.20 -25.43
CA PRO A 105 5.48 21.10 -24.14
C PRO A 105 6.27 20.35 -23.05
N LEU A 106 6.63 21.06 -22.01
CA LEU A 106 7.42 20.46 -20.95
C LEU A 106 6.60 20.11 -19.71
N ILE A 107 5.35 20.58 -19.69
CA ILE A 107 4.38 20.16 -18.70
C ILE A 107 3.26 19.47 -19.45
N VAL A 108 2.99 18.21 -19.11
CA VAL A 108 1.95 17.42 -19.77
C VAL A 108 1.00 16.82 -18.75
N VAL A 109 -0.28 17.16 -18.86
CA VAL A 109 -1.28 16.64 -17.99
C VAL A 109 -2.20 15.73 -18.81
N ASN A 110 -2.19 14.44 -18.47
CA ASN A 110 -3.03 13.42 -19.16
C ASN A 110 -4.33 13.29 -18.42
N ASN A 111 -5.36 13.90 -18.95
CA ASN A 111 -6.67 13.86 -18.34
C ASN A 111 -7.68 13.12 -19.24
N ALA A 112 -7.42 13.07 -20.54
CA ALA A 112 -8.26 12.33 -21.51
C ALA A 112 -8.18 10.80 -21.27
N GLY A 113 -9.32 10.12 -21.20
CA GLY A 113 -9.38 8.63 -21.10
C GLY A 113 -9.74 8.08 -22.47
N GLU A 127 -14.45 -5.29 -19.41
CA GLU A 127 -14.90 -4.07 -18.77
C GLU A 127 -13.71 -3.41 -18.09
N TRP A 128 -13.51 -3.66 -16.80
CA TRP A 128 -12.35 -3.15 -16.11
C TRP A 128 -11.04 -3.45 -16.84
N PHE A 129 -10.93 -4.65 -17.42
CA PHE A 129 -9.69 -5.00 -18.06
C PHE A 129 -9.37 -4.12 -19.26
N ASP A 130 -10.30 -4.06 -20.20
CA ASP A 130 -10.14 -3.26 -21.39
C ASP A 130 -9.95 -1.78 -21.09
N VAL A 131 -10.69 -1.25 -20.13
CA VAL A 131 -10.62 0.18 -19.82
C VAL A 131 -9.28 0.55 -19.26
N VAL A 132 -8.78 -0.26 -18.30
CA VAL A 132 -7.51 0.03 -17.68
C VAL A 132 -6.41 -0.17 -18.70
N ASN A 133 -6.51 -1.25 -19.43
CA ASN A 133 -5.46 -1.56 -20.39
C ASN A 133 -5.32 -0.52 -21.50
N THR A 134 -6.45 -0.04 -21.99
CA THR A 134 -6.49 1.01 -22.98
C THR A 134 -6.06 2.35 -22.47
N ASN A 135 -6.50 2.71 -21.29
CA ASN A 135 -6.02 3.97 -20.70
C ASN A 135 -4.55 3.96 -20.43
N LEU A 136 -3.98 2.85 -19.96
CA LEU A 136 -2.58 2.83 -19.71
C LEU A 136 -1.80 2.85 -21.04
N ASN A 137 -2.33 2.19 -22.04
CA ASN A 137 -1.70 2.26 -23.36
C ASN A 137 -1.67 3.68 -23.93
N SER A 138 -2.73 4.41 -23.72
CA SER A 138 -2.78 5.82 -24.10
C SER A 138 -1.85 6.71 -23.33
N LEU A 139 -1.83 6.57 -22.01
CA LEU A 139 -0.87 7.28 -21.24
C LEU A 139 0.54 7.05 -21.75
N TYR A 140 0.86 5.79 -22.01
CA TYR A 140 2.21 5.44 -22.44
C TYR A 140 2.58 6.07 -23.78
N ARG A 141 1.67 5.98 -24.75
CA ARG A 141 1.88 6.56 -26.08
C ARG A 141 2.20 8.04 -25.97
N LEU A 142 1.37 8.79 -25.27
CA LEU A 142 1.52 10.24 -25.18
C LEU A 142 2.78 10.59 -24.40
N SER A 143 2.98 9.91 -23.28
CA SER A 143 4.14 10.14 -22.46
C SER A 143 5.42 9.90 -23.28
N LYS A 144 5.46 8.80 -24.01
CA LYS A 144 6.68 8.47 -24.80
C LYS A 144 6.96 9.57 -25.80
N ALA A 145 5.93 10.03 -26.47
CA ALA A 145 6.09 11.06 -27.48
C ALA A 145 6.57 12.40 -26.91
N VAL A 146 6.04 12.84 -25.74
CA VAL A 146 6.48 14.13 -25.17
C VAL A 146 7.80 14.06 -24.43
N LEU A 147 8.27 12.84 -24.09
CA LEU A 147 9.59 12.69 -23.38
C LEU A 147 10.84 13.08 -24.13
N ARG A 148 10.82 12.98 -25.43
CA ARG A 148 11.98 13.39 -26.24
C ARG A 148 12.30 14.84 -25.99
N GLY A 149 11.27 15.69 -26.03
CA GLY A 149 11.44 17.13 -25.77
C GLY A 149 11.93 17.38 -24.34
N MET A 150 11.41 16.60 -23.38
CA MET A 150 11.79 16.81 -21.98
C MET A 150 13.22 16.31 -21.71
N THR A 151 13.59 15.21 -22.35
CA THR A 151 14.96 14.69 -22.30
C THR A 151 15.95 15.71 -22.83
N LYS A 152 15.64 16.29 -23.99
CA LYS A 152 16.47 17.35 -24.54
C LYS A 152 16.58 18.55 -23.62
N ALA A 153 15.47 19.00 -23.03
CA ALA A 153 15.53 20.16 -22.13
C ALA A 153 16.14 19.81 -20.79
N ARG A 154 16.25 18.53 -20.45
CA ARG A 154 16.58 18.10 -19.08
C ARG A 154 15.65 18.68 -18.00
N TRP A 155 14.35 18.69 -18.30
CA TRP A 155 13.34 19.14 -17.34
C TRP A 155 11.98 18.71 -17.84
N GLY A 156 11.09 18.35 -16.93
CA GLY A 156 9.77 17.95 -17.34
C GLY A 156 8.83 17.67 -16.19
N ARG A 157 7.54 17.74 -16.49
CA ARG A 157 6.51 17.35 -15.55
C ARG A 157 5.48 16.58 -16.33
N ILE A 158 5.24 15.34 -15.95
CA ILE A 158 4.12 14.57 -16.46
C ILE A 158 3.18 14.33 -15.26
N ILE A 159 1.92 14.66 -15.43
CA ILE A 159 0.97 14.50 -14.36
C ILE A 159 -0.18 13.72 -14.96
N ASN A 160 -0.46 12.57 -14.36
CA ASN A 160 -1.57 11.72 -14.79
C ASN A 160 -2.81 11.89 -13.90
N ILE A 161 -3.95 12.15 -14.53
CA ILE A 161 -5.17 12.34 -13.77
C ILE A 161 -5.96 11.05 -13.79
N GLY A 162 -6.32 10.53 -12.64
CA GLY A 162 -7.11 9.28 -12.55
C GLY A 162 -8.59 9.58 -12.82
N SER A 163 -9.40 8.55 -12.90
CA SER A 163 -10.85 8.73 -13.02
C SER A 163 -11.59 9.07 -11.70
N VAL A 164 -12.62 9.87 -11.84
CA VAL A 164 -13.49 10.27 -10.76
C VAL A 164 -14.29 9.07 -10.28
N VAL A 165 -14.49 9.00 -8.98
CA VAL A 165 -15.45 8.08 -8.38
C VAL A 165 -16.86 8.41 -8.87
N GLY A 166 -17.61 7.39 -9.17
CA GLY A 166 -19.03 7.55 -9.40
C GLY A 166 -19.69 6.27 -9.84
N ALA A 167 -19.10 5.66 -10.86
CA ALA A 167 -19.71 4.61 -11.68
C ALA A 167 -20.57 3.63 -10.87
N MET A 168 -21.56 3.05 -11.54
CA MET A 168 -22.53 2.17 -10.92
C MET A 168 -21.95 0.79 -10.65
N GLY A 169 -22.14 0.33 -9.42
CA GLY A 169 -21.99 -1.07 -9.10
C GLY A 169 -20.87 -1.43 -8.14
N ASN A 170 -21.00 -2.67 -7.62
CA ASN A 170 -19.81 -3.44 -7.36
C ASN A 170 -18.88 -3.34 -8.59
N ALA A 171 -19.44 -3.41 -9.81
CA ALA A 171 -18.60 -3.24 -11.01
C ALA A 171 -17.90 -1.86 -11.03
N GLY A 172 -18.63 -0.81 -10.70
CA GLY A 172 -18.03 0.51 -10.61
C GLY A 172 -16.87 0.53 -9.62
N GLN A 173 -17.04 -0.11 -8.46
CA GLN A 173 -15.99 -0.14 -7.42
C GLN A 173 -14.75 -0.92 -7.92
N THR A 174 -15.03 -2.05 -8.57
CA THR A 174 -14.00 -2.89 -9.13
C THR A 174 -13.18 -2.12 -10.12
N ASN A 175 -13.88 -1.43 -11.01
CA ASN A 175 -13.27 -0.68 -12.07
C ASN A 175 -12.44 0.49 -11.53
N TYR A 176 -12.95 1.21 -10.54
CA TYR A 176 -12.23 2.35 -9.96
C TYR A 176 -10.94 1.90 -9.26
N ALA A 177 -11.05 0.85 -8.43
CA ALA A 177 -9.90 0.36 -7.70
C ALA A 177 -8.84 -0.18 -8.67
N ALA A 178 -9.27 -0.87 -9.72
CA ALA A 178 -8.32 -1.36 -10.75
C ALA A 178 -7.60 -0.26 -11.50
N ALA A 179 -8.38 0.72 -11.96
CA ALA A 179 -7.79 1.84 -12.66
C ALA A 179 -6.82 2.60 -11.73
N LYS A 180 -7.16 2.78 -10.48
CA LYS A 180 -6.28 3.50 -9.57
C LYS A 180 -4.94 2.72 -9.38
N ALA A 181 -5.05 1.40 -9.21
CA ALA A 181 -3.90 0.56 -8.97
C ALA A 181 -3.02 0.59 -10.18
N GLY A 182 -3.59 0.53 -11.38
CA GLY A 182 -2.79 0.63 -12.60
C GLY A 182 -2.13 2.00 -12.74
N LEU A 183 -2.89 3.05 -12.51
CA LEU A 183 -2.36 4.42 -12.53
C LEU A 183 -1.15 4.60 -11.58
N GLU A 184 -1.32 4.17 -10.33
CA GLU A 184 -0.24 4.25 -9.35
C GLU A 184 1.06 3.53 -9.72
N GLY A 185 0.91 2.30 -10.16
CA GLY A 185 2.06 1.49 -10.55
C GLY A 185 2.73 2.00 -11.79
N PHE A 186 1.93 2.40 -12.76
CA PHE A 186 2.51 2.97 -13.97
C PHE A 186 3.33 4.24 -13.67
N THR A 187 2.73 5.12 -12.92
CA THR A 187 3.27 6.41 -12.65
C THR A 187 4.59 6.23 -11.94
N ARG A 188 4.64 5.29 -11.00
CA ARG A 188 5.85 5.05 -10.23
C ARG A 188 6.95 4.47 -11.10
N ALA A 189 6.59 3.52 -11.96
CA ALA A 189 7.55 2.94 -12.90
C ALA A 189 8.12 4.00 -13.85
N LEU A 190 7.25 4.80 -14.49
CA LEU A 190 7.70 5.77 -15.44
C LEU A 190 8.61 6.82 -14.74
N ALA A 191 8.23 7.23 -13.53
CA ALA A 191 9.07 8.13 -12.76
C ALA A 191 10.50 7.59 -12.59
N ARG A 192 10.61 6.30 -12.24
CA ARG A 192 11.91 5.65 -12.07
C ARG A 192 12.75 5.65 -13.36
N GLU A 193 12.10 5.41 -14.50
CA GLU A 193 12.79 5.43 -15.77
C GLU A 193 13.35 6.80 -16.13
N VAL A 194 12.61 7.88 -15.88
CA VAL A 194 12.94 9.20 -16.45
C VAL A 194 13.60 10.13 -15.46
N GLY A 195 13.69 9.69 -14.21
CA GLY A 195 14.11 10.55 -13.12
C GLY A 195 15.46 11.21 -13.37
N SER A 196 16.39 10.50 -14.00
CA SER A 196 17.77 11.03 -14.09
C SER A 196 17.82 12.30 -14.93
N ARG A 197 16.81 12.48 -15.78
CA ARG A 197 16.70 13.66 -16.60
C ARG A 197 15.94 14.82 -15.93
N ALA A 198 15.73 14.79 -14.61
CA ALA A 198 14.99 15.84 -13.87
C ALA A 198 13.56 16.05 -14.39
N ILE A 199 12.97 14.97 -14.85
CA ILE A 199 11.61 14.95 -15.25
C ILE A 199 10.89 14.24 -14.11
N THR A 200 9.88 14.90 -13.53
CA THR A 200 9.02 14.19 -12.54
C THR A 200 7.75 13.64 -13.21
N VAL A 201 7.26 12.54 -12.66
CA VAL A 201 6.02 11.89 -13.12
C VAL A 201 5.18 11.58 -11.89
N ASN A 202 4.01 12.20 -11.83
CA ASN A 202 3.11 12.04 -10.69
C ASN A 202 1.65 11.83 -11.16
N ALA A 203 0.74 11.50 -10.23
CA ALA A 203 -0.61 11.29 -10.59
C ALA A 203 -1.46 11.92 -9.50
N VAL A 204 -2.68 12.22 -9.87
CA VAL A 204 -3.66 12.75 -8.95
C VAL A 204 -4.81 11.79 -9.09
N ALA A 205 -5.26 11.24 -7.97
CA ALA A 205 -6.40 10.37 -7.96
C ALA A 205 -7.65 11.00 -7.30
N PRO A 206 -8.60 11.51 -8.09
CA PRO A 206 -9.77 12.16 -7.50
C PRO A 206 -10.70 11.17 -6.88
N GLY A 207 -11.42 11.63 -5.90
CA GLY A 207 -12.58 10.90 -5.38
C GLY A 207 -13.86 11.44 -6.04
N PHE A 208 -14.84 11.84 -5.24
CA PHE A 208 -16.18 12.15 -5.75
C PHE A 208 -16.20 13.63 -5.98
N ILE A 209 -16.06 14.05 -7.24
CA ILE A 209 -15.95 15.44 -7.63
C ILE A 209 -17.19 15.91 -8.41
N ASP A 210 -17.60 17.12 -8.13
CA ASP A 210 -18.72 17.76 -8.79
C ASP A 210 -18.36 18.05 -10.28
N THR A 211 -18.73 17.13 -11.17
CA THR A 211 -18.69 17.30 -12.60
C THR A 211 -20.11 17.00 -13.18
N ASP A 212 -20.34 17.31 -14.45
CA ASP A 212 -21.57 16.93 -15.19
C ASP A 212 -21.85 15.42 -15.09
N MET A 213 -20.81 14.62 -15.18
CA MET A 213 -20.95 13.19 -15.05
C MET A 213 -21.53 12.83 -13.68
N THR A 214 -21.06 13.46 -12.60
CA THR A 214 -21.52 13.07 -11.27
C THR A 214 -22.83 13.77 -10.90
N ARG A 215 -23.06 14.97 -11.41
CA ARG A 215 -24.25 15.76 -11.02
C ARG A 215 -25.59 15.14 -11.27
N GLU A 216 -25.71 14.26 -12.26
CA GLU A 216 -27.02 13.68 -12.48
C GLU A 216 -27.09 12.15 -12.29
N LEU A 217 -26.19 11.69 -11.42
CA LEU A 217 -26.24 10.38 -10.75
C LEU A 217 -27.50 10.35 -9.90
N PRO A 218 -28.17 9.22 -9.85
CA PRO A 218 -29.38 9.14 -9.00
C PRO A 218 -29.08 9.56 -7.56
N GLU A 219 -30.06 10.20 -6.92
CA GLU A 219 -29.86 10.80 -5.64
C GLU A 219 -29.42 9.74 -4.62
N ALA A 220 -29.85 8.49 -4.74
CA ALA A 220 -29.52 7.48 -3.74
C ALA A 220 -28.03 7.17 -3.78
N GLN A 221 -27.47 7.13 -4.97
CA GLN A 221 -26.03 6.82 -5.11
C GLN A 221 -25.20 8.02 -4.58
N ARG A 222 -25.59 9.22 -4.97
CA ARG A 222 -24.94 10.43 -4.49
C ARG A 222 -24.95 10.47 -2.97
N GLU A 223 -26.09 10.18 -2.35
CA GLU A 223 -26.16 10.21 -0.89
C GLU A 223 -25.28 9.18 -0.23
N ALA A 224 -25.28 7.97 -0.77
CA ALA A 224 -24.44 6.90 -0.24
C ALA A 224 -22.97 7.25 -0.39
N LEU A 225 -22.63 7.88 -1.50
CA LEU A 225 -21.26 8.36 -1.64
C LEU A 225 -20.88 9.43 -0.60
N LEU A 226 -21.70 10.47 -0.45
CA LEU A 226 -21.51 11.51 0.58
C LEU A 226 -21.32 10.93 1.95
N GLY A 227 -22.08 9.88 2.28
CA GLY A 227 -21.99 9.29 3.61
C GLY A 227 -20.67 8.59 3.86
N GLN A 228 -19.92 8.28 2.82
CA GLN A 228 -18.60 7.71 2.98
C GLN A 228 -17.46 8.74 2.84
N ILE A 229 -17.76 10.03 2.79
CA ILE A 229 -16.71 11.06 2.63
C ILE A 229 -16.60 11.89 3.92
N PRO A 230 -15.44 11.78 4.64
CA PRO A 230 -15.26 12.46 5.93
C PRO A 230 -15.51 13.93 5.84
N LEU A 231 -15.05 14.62 4.80
CA LEU A 231 -15.36 16.06 4.68
C LEU A 231 -16.90 16.35 4.43
N GLY A 232 -17.70 15.37 4.01
CA GLY A 232 -19.10 15.56 3.83
C GLY A 232 -19.54 16.38 2.67
N ARG A 233 -18.74 16.43 1.60
CA ARG A 233 -19.13 17.15 0.43
C ARG A 233 -18.33 16.58 -0.74
N LEU A 234 -18.79 16.92 -1.94
CA LEU A 234 -18.09 16.61 -3.16
C LEU A 234 -16.89 17.55 -3.27
N GLY A 235 -15.90 17.13 -4.02
CA GLY A 235 -14.79 17.97 -4.36
C GLY A 235 -15.13 18.88 -5.53
N GLN A 236 -14.40 19.97 -5.67
CA GLN A 236 -14.61 20.89 -6.81
C GLN A 236 -13.53 20.60 -7.81
N ALA A 237 -13.85 20.71 -9.08
CA ALA A 237 -12.81 20.55 -10.12
C ALA A 237 -11.54 21.39 -9.87
N GLU A 238 -11.76 22.59 -9.36
CA GLU A 238 -10.71 23.54 -9.06
CA GLU A 238 -10.71 23.56 -9.06
C GLU A 238 -9.75 23.00 -8.00
N GLU A 239 -10.28 22.18 -7.10
CA GLU A 239 -9.49 21.54 -6.03
C GLU A 239 -8.58 20.44 -6.58
N ILE A 240 -8.97 19.79 -7.67
CA ILE A 240 -8.02 18.94 -8.41
C ILE A 240 -6.97 19.79 -9.11
N ALA A 241 -7.41 20.85 -9.75
CA ALA A 241 -6.51 21.68 -10.54
C ALA A 241 -5.40 22.30 -9.72
N LYS A 242 -5.73 22.69 -8.53
CA LYS A 242 -4.71 23.29 -7.60
C LYS A 242 -3.60 22.33 -7.26
N VAL A 243 -3.93 21.04 -7.12
CA VAL A 243 -2.94 20.03 -6.77
C VAL A 243 -2.02 19.89 -7.98
N VAL A 244 -2.60 19.85 -9.16
CA VAL A 244 -1.83 19.72 -10.41
C VAL A 244 -0.89 20.86 -10.58
N GLY A 245 -1.41 22.06 -10.37
CA GLY A 245 -0.63 23.30 -10.47
C GLY A 245 0.57 23.24 -9.54
N PHE A 246 0.38 22.78 -8.32
CA PHE A 246 1.51 22.59 -7.42
C PHE A 246 2.50 21.55 -7.96
N LEU A 247 2.00 20.40 -8.41
CA LEU A 247 2.92 19.38 -8.90
C LEU A 247 3.71 19.87 -10.10
N ALA A 248 3.11 20.74 -10.90
CA ALA A 248 3.86 21.33 -12.05
C ALA A 248 4.96 22.34 -11.67
N SER A 249 4.84 22.92 -10.50
CA SER A 249 5.74 23.96 -9.96
C SER A 249 7.10 23.44 -9.52
N ASP A 250 8.00 24.40 -9.37
CA ASP A 250 9.38 24.12 -8.99
CA ASP A 250 9.38 24.12 -8.99
C ASP A 250 9.49 23.56 -7.58
N GLY A 251 8.56 23.91 -6.72
CA GLY A 251 8.68 23.45 -5.38
C GLY A 251 8.26 22.01 -5.21
N ALA A 252 7.72 21.41 -6.28
CA ALA A 252 7.43 19.99 -6.32
C ALA A 252 8.51 19.20 -7.03
N ALA A 253 9.70 19.79 -7.14
CA ALA A 253 10.74 19.17 -7.94
C ALA A 253 11.29 17.88 -7.31
N TYR A 254 11.10 17.66 -6.01
CA TYR A 254 11.58 16.38 -5.40
C TYR A 254 10.41 15.35 -5.19
N VAL A 255 9.20 15.68 -5.63
CA VAL A 255 8.09 14.74 -5.68
C VAL A 255 8.08 14.02 -7.04
N THR A 256 8.32 12.72 -7.04
CA THR A 256 8.10 11.97 -8.25
C THR A 256 7.72 10.53 -7.92
N GLY A 257 6.88 9.94 -8.77
CA GLY A 257 6.38 8.63 -8.62
C GLY A 257 5.19 8.57 -7.70
N ALA A 258 4.73 9.73 -7.31
CA ALA A 258 3.70 9.79 -6.26
C ALA A 258 2.31 9.86 -6.90
N THR A 259 1.32 9.33 -6.18
CA THR A 259 -0.05 9.50 -6.57
C THR A 259 -0.73 10.24 -5.42
N VAL A 260 -1.21 11.46 -5.67
CA VAL A 260 -1.87 12.25 -4.61
C VAL A 260 -3.37 12.02 -4.65
N PRO A 261 -3.92 11.42 -3.60
CA PRO A 261 -5.37 11.29 -3.59
C PRO A 261 -6.03 12.59 -3.15
N VAL A 262 -7.06 12.96 -3.89
CA VAL A 262 -7.81 14.16 -3.65
C VAL A 262 -9.24 13.74 -3.50
N ASN A 263 -9.59 13.31 -2.29
CA ASN A 263 -10.84 12.58 -2.14
C ASN A 263 -11.62 12.86 -0.90
N GLY A 264 -11.25 13.92 -0.22
CA GLY A 264 -11.92 14.27 1.09
C GLY A 264 -11.85 13.26 2.15
N GLY A 265 -10.92 12.34 2.05
CA GLY A 265 -10.73 11.31 3.05
C GLY A 265 -11.44 9.97 2.78
N MET A 266 -12.10 9.85 1.64
CA MET A 266 -12.77 8.63 1.25
C MET A 266 -11.83 7.79 0.48
N TYR A 267 -11.30 6.76 1.11
CA TYR A 267 -10.30 5.85 0.43
C TYR A 267 -10.92 4.50 0.01
N MET A 268 -10.92 4.24 -1.31
CA MET A 268 -11.55 3.04 -1.85
C MET A 268 -10.44 2.31 -2.59
N SER A 269 -10.29 1.02 -2.26
CA SER A 269 -9.15 0.18 -2.67
C SER A 269 -9.68 -1.19 -3.12
N SER B 24 -5.88 -31.91 0.82
CA SER B 24 -6.07 -32.90 -0.28
C SER B 24 -6.85 -32.36 -1.51
N LEU B 25 -6.37 -32.73 -2.69
CA LEU B 25 -6.91 -32.26 -3.94
C LEU B 25 -7.36 -33.41 -4.83
N GLN B 26 -7.63 -34.55 -4.21
CA GLN B 26 -8.11 -35.69 -4.95
C GLN B 26 -9.33 -35.36 -5.78
N GLY B 27 -9.38 -35.79 -7.03
CA GLY B 27 -10.55 -35.52 -7.87
C GLY B 27 -10.44 -34.22 -8.65
N LYS B 28 -9.39 -33.41 -8.41
CA LYS B 28 -9.27 -32.10 -9.10
C LYS B 28 -8.26 -32.19 -10.16
N VAL B 29 -8.51 -31.44 -11.23
CA VAL B 29 -7.59 -31.28 -12.35
C VAL B 29 -6.96 -29.92 -12.21
N ALA B 30 -5.61 -29.90 -12.17
CA ALA B 30 -4.85 -28.70 -12.03
C ALA B 30 -4.06 -28.44 -13.31
N LEU B 31 -4.15 -27.20 -13.83
CA LEU B 31 -3.30 -26.76 -14.96
C LEU B 31 -2.22 -25.86 -14.40
N VAL B 32 -0.97 -26.20 -14.67
CA VAL B 32 0.18 -25.41 -14.26
C VAL B 32 0.97 -25.00 -15.47
N THR B 33 0.99 -23.71 -15.78
CA THR B 33 1.67 -23.25 -16.98
C THR B 33 3.13 -23.08 -16.64
N GLY B 34 4.02 -23.37 -17.61
CA GLY B 34 5.44 -23.20 -17.35
C GLY B 34 5.99 -24.20 -16.34
N ALA B 35 5.72 -25.49 -16.53
CA ALA B 35 6.01 -26.47 -15.53
C ALA B 35 7.25 -27.31 -15.75
N SER B 36 8.08 -27.02 -16.75
CA SER B 36 9.16 -27.94 -17.04
C SER B 36 10.35 -27.83 -16.08
N ARG B 37 10.49 -26.72 -15.36
CA ARG B 37 11.60 -26.54 -14.39
C ARG B 37 11.21 -25.60 -13.27
N GLY B 38 12.04 -25.52 -12.25
CA GLY B 38 11.99 -24.44 -11.27
C GLY B 38 10.68 -24.42 -10.49
N ILE B 39 10.18 -23.22 -10.32
CA ILE B 39 8.96 -22.98 -9.52
C ILE B 39 7.79 -23.77 -10.09
N GLY B 40 7.57 -23.69 -11.39
CA GLY B 40 6.48 -24.35 -12.04
C GLY B 40 6.52 -25.86 -11.87
N GLN B 41 7.68 -26.44 -12.06
CA GLN B 41 7.80 -27.87 -11.85
C GLN B 41 7.51 -28.25 -10.38
N ALA B 42 8.08 -27.51 -9.45
CA ALA B 42 7.83 -27.82 -7.99
C ALA B 42 6.31 -27.71 -7.67
N ILE B 43 5.65 -26.74 -8.25
CA ILE B 43 4.17 -26.58 -8.04
C ILE B 43 3.46 -27.80 -8.61
N ALA B 44 3.85 -28.22 -9.82
CA ALA B 44 3.25 -29.39 -10.44
C ALA B 44 3.38 -30.60 -9.57
N LEU B 45 4.56 -30.84 -9.02
CA LEU B 45 4.78 -32.00 -8.17
C LEU B 45 4.07 -31.90 -6.87
N GLU B 46 4.00 -30.69 -6.32
CA GLU B 46 3.28 -30.51 -5.05
C GLU B 46 1.81 -30.77 -5.27
N LEU B 47 1.23 -30.21 -6.31
CA LEU B 47 -0.25 -30.43 -6.47
C LEU B 47 -0.51 -31.93 -6.69
N GLY B 48 0.40 -32.59 -7.42
CA GLY B 48 0.29 -34.08 -7.64
C GLY B 48 0.39 -34.84 -6.34
N ARG B 49 1.31 -34.46 -5.46
CA ARG B 49 1.47 -35.12 -4.20
C ARG B 49 0.18 -35.00 -3.37
N LEU B 50 -0.50 -33.85 -3.50
CA LEU B 50 -1.75 -33.60 -2.79
C LEU B 50 -2.94 -34.37 -3.42
N GLY B 51 -2.69 -35.09 -4.50
CA GLY B 51 -3.70 -35.89 -5.15
C GLY B 51 -4.33 -35.37 -6.43
N ALA B 52 -3.95 -34.19 -6.93
CA ALA B 52 -4.59 -33.65 -8.16
C ALA B 52 -4.12 -34.42 -9.34
N VAL B 53 -4.95 -34.42 -10.37
CA VAL B 53 -4.49 -34.72 -11.70
C VAL B 53 -3.88 -33.45 -12.25
N VAL B 54 -2.68 -33.54 -12.81
CA VAL B 54 -1.90 -32.38 -13.14
C VAL B 54 -1.51 -32.32 -14.60
N ILE B 55 -1.86 -31.20 -15.23
CA ILE B 55 -1.37 -30.83 -16.56
C ILE B 55 -0.39 -29.68 -16.49
N GLY B 56 0.87 -29.99 -16.77
CA GLY B 56 1.90 -29.02 -16.87
C GLY B 56 2.12 -28.58 -18.31
N THR B 57 2.44 -27.31 -18.53
CA THR B 57 2.73 -26.86 -19.91
C THR B 57 4.12 -26.26 -20.13
N ALA B 58 4.57 -26.31 -21.39
CA ALA B 58 5.80 -25.75 -21.79
C ALA B 58 5.53 -25.18 -23.18
N THR B 59 6.48 -24.41 -23.68
CA THR B 59 6.34 -23.77 -24.99
C THR B 59 6.88 -24.68 -26.08
N SER B 60 7.54 -25.77 -25.73
CA SER B 60 8.04 -26.69 -26.76
C SER B 60 7.61 -28.12 -26.52
N ALA B 61 7.62 -28.89 -27.59
CA ALA B 61 7.30 -30.31 -27.56
C ALA B 61 8.20 -31.09 -26.64
N SER B 62 9.50 -30.79 -26.63
CA SER B 62 10.39 -31.49 -25.70
C SER B 62 10.10 -31.14 -24.24
N GLY B 63 9.81 -29.87 -23.96
CA GLY B 63 9.43 -29.45 -22.59
C GLY B 63 8.22 -30.23 -22.15
N ALA B 64 7.24 -30.33 -23.06
CA ALA B 64 6.00 -31.02 -22.75
C ALA B 64 6.24 -32.48 -22.42
N GLU B 65 7.14 -33.07 -23.16
CA GLU B 65 7.47 -34.45 -22.96
C GLU B 65 8.23 -34.67 -21.67
N LYS B 66 9.18 -33.79 -21.37
CA LYS B 66 9.89 -33.84 -20.09
C LYS B 66 8.87 -33.77 -18.95
N ILE B 67 7.88 -32.88 -19.07
CA ILE B 67 6.87 -32.75 -18.03
C ILE B 67 6.14 -34.08 -17.85
N ALA B 68 5.74 -34.69 -18.96
CA ALA B 68 5.00 -35.94 -18.92
C ALA B 68 5.82 -37.03 -18.27
N GLU B 69 7.09 -37.10 -18.60
CA GLU B 69 7.98 -38.08 -17.94
C GLU B 69 8.17 -37.83 -16.45
N THR B 70 8.32 -36.56 -16.07
CA THR B 70 8.51 -36.20 -14.64
C THR B 70 7.28 -36.59 -13.86
N LEU B 71 6.12 -36.34 -14.44
CA LEU B 71 4.86 -36.65 -13.70
C LEU B 71 4.75 -38.17 -13.48
N LYS B 72 5.07 -38.92 -14.53
CA LYS B 72 5.02 -40.38 -14.46
C LYS B 72 6.03 -40.91 -13.45
N ALA B 73 7.26 -40.40 -13.46
CA ALA B 73 8.26 -40.80 -12.49
C ALA B 73 7.82 -40.58 -11.05
N ASN B 74 6.99 -39.54 -10.81
CA ASN B 74 6.51 -39.25 -9.46
C ASN B 74 5.11 -39.76 -9.21
N GLY B 75 4.57 -40.60 -10.09
CA GLY B 75 3.30 -41.25 -9.83
C GLY B 75 2.11 -40.30 -9.93
N VAL B 76 2.28 -39.25 -10.73
CA VAL B 76 1.23 -38.28 -10.85
C VAL B 76 0.47 -38.46 -12.19
N GLU B 77 -0.83 -38.68 -12.11
CA GLU B 77 -1.70 -38.74 -13.28
C GLU B 77 -1.85 -37.35 -13.89
N GLY B 78 -1.81 -37.30 -15.22
CA GLY B 78 -1.95 -36.03 -15.93
C GLY B 78 -1.31 -36.02 -17.31
N ALA B 79 -0.65 -34.93 -17.63
CA ALA B 79 -0.07 -34.76 -18.95
C ALA B 79 0.87 -33.57 -19.05
N GLY B 80 1.76 -33.62 -20.03
CA GLY B 80 2.53 -32.45 -20.42
C GLY B 80 2.01 -31.96 -21.78
N LEU B 81 1.82 -30.66 -21.91
CA LEU B 81 1.26 -30.09 -23.11
CA LEU B 81 1.23 -30.06 -23.08
C LEU B 81 2.03 -28.85 -23.57
N VAL B 82 1.97 -28.57 -24.88
CA VAL B 82 2.53 -27.36 -25.47
C VAL B 82 1.47 -26.27 -25.43
N LEU B 83 1.82 -25.16 -24.79
CA LEU B 83 0.90 -24.05 -24.71
C LEU B 83 1.68 -22.75 -24.87
N ASP B 84 1.09 -21.85 -25.62
CA ASP B 84 1.60 -20.49 -25.81
C ASP B 84 0.48 -19.54 -25.38
N VAL B 85 0.64 -18.97 -24.17
CA VAL B 85 -0.42 -18.21 -23.49
C VAL B 85 -0.69 -16.88 -24.20
N SER B 86 0.21 -16.49 -25.09
CA SER B 86 0.02 -15.30 -25.92
C SER B 86 -0.87 -15.54 -27.16
N SER B 87 -1.32 -16.78 -27.40
CA SER B 87 -2.07 -17.11 -28.62
C SER B 87 -3.50 -17.65 -28.34
N ASP B 88 -4.52 -16.93 -28.82
CA ASP B 88 -5.92 -17.39 -28.66
C ASP B 88 -6.16 -18.82 -29.18
N GLU B 89 -5.51 -19.17 -30.28
CA GLU B 89 -5.67 -20.48 -30.85
C GLU B 89 -5.03 -21.55 -29.95
N SER B 90 -3.82 -21.28 -29.46
CA SER B 90 -3.13 -22.23 -28.59
C SER B 90 -3.95 -22.44 -27.31
N VAL B 91 -4.42 -21.34 -26.74
CA VAL B 91 -5.24 -21.45 -25.53
C VAL B 91 -6.50 -22.28 -25.77
N ALA B 92 -7.26 -21.96 -26.80
CA ALA B 92 -8.53 -22.69 -27.03
C ALA B 92 -8.32 -24.18 -27.35
N ALA B 93 -7.28 -24.46 -28.13
CA ALA B 93 -6.97 -25.81 -28.54
C ALA B 93 -6.51 -26.64 -27.37
N THR B 94 -5.64 -26.03 -26.57
CA THR B 94 -5.12 -26.70 -25.41
C THR B 94 -6.25 -27.07 -24.44
N LEU B 95 -7.16 -26.14 -24.19
CA LEU B 95 -8.25 -26.38 -23.24
CA LEU B 95 -8.25 -26.38 -23.23
C LEU B 95 -9.21 -27.43 -23.76
N GLU B 96 -9.46 -27.41 -25.07
CA GLU B 96 -10.31 -28.44 -25.67
C GLU B 96 -9.64 -29.84 -25.52
N HIS B 97 -8.34 -29.95 -25.81
CA HIS B 97 -7.55 -31.18 -25.61
C HIS B 97 -7.76 -31.69 -24.17
N ILE B 98 -7.59 -30.80 -23.19
CA ILE B 98 -7.66 -31.21 -21.80
C ILE B 98 -9.06 -31.69 -21.48
N GLN B 99 -10.06 -30.92 -21.91
CA GLN B 99 -11.48 -31.28 -21.61
C GLN B 99 -11.80 -32.71 -22.06
N GLN B 100 -11.43 -33.00 -23.29
CA GLN B 100 -11.77 -34.27 -23.90
C GLN B 100 -11.07 -35.44 -23.24
N HIS B 101 -9.82 -35.26 -22.86
CA HIS B 101 -9.02 -36.37 -22.44
C HIS B 101 -8.98 -36.47 -20.92
N LEU B 102 -8.89 -35.36 -20.20
CA LEU B 102 -8.74 -35.41 -18.72
C LEU B 102 -9.87 -34.86 -17.87
N GLY B 103 -10.64 -33.92 -18.40
CA GLY B 103 -11.63 -33.22 -17.61
C GLY B 103 -11.36 -31.72 -17.51
N GLN B 104 -12.20 -31.05 -16.76
CA GLN B 104 -12.16 -29.60 -16.68
C GLN B 104 -11.09 -29.13 -15.63
N PRO B 105 -10.07 -28.33 -16.00
CA PRO B 105 -9.15 -27.80 -14.98
C PRO B 105 -9.80 -26.78 -14.05
N LEU B 106 -9.94 -27.14 -12.78
CA LEU B 106 -10.52 -26.30 -11.78
C LEU B 106 -9.51 -25.58 -10.86
N ILE B 107 -8.27 -25.99 -10.92
CA ILE B 107 -7.16 -25.32 -10.29
C ILE B 107 -6.23 -24.87 -11.36
N VAL B 108 -6.02 -23.57 -11.51
CA VAL B 108 -5.14 -23.06 -12.61
C VAL B 108 -4.04 -22.15 -12.09
N VAL B 109 -2.80 -22.52 -12.32
CA VAL B 109 -1.68 -21.82 -11.78
C VAL B 109 -0.92 -21.24 -12.92
N ASN B 110 -0.91 -19.91 -12.97
CA ASN B 110 -0.29 -19.20 -14.06
C ASN B 110 1.11 -18.87 -13.68
N ASN B 111 2.06 -19.57 -14.24
CA ASN B 111 3.45 -19.34 -13.94
C ASN B 111 4.25 -18.96 -15.19
N ALA B 112 3.72 -19.24 -16.38
CA ALA B 112 4.33 -18.82 -17.68
C ALA B 112 4.29 -17.29 -17.94
N GLY B 113 5.42 -16.69 -18.31
CA GLY B 113 5.50 -15.28 -18.70
C GLY B 113 6.36 -15.11 -19.94
N ILE B 114 6.42 -13.89 -20.49
CA ILE B 114 6.96 -13.64 -21.86
C ILE B 114 8.48 -13.40 -21.92
N ASP B 126 13.45 0.67 -20.12
CA ASP B 126 12.19 1.07 -20.77
C ASP B 126 11.23 -0.08 -21.09
N GLU B 127 11.65 -1.33 -20.85
CA GLU B 127 10.90 -2.50 -21.29
C GLU B 127 9.82 -2.96 -20.33
N TRP B 128 9.83 -2.40 -19.12
CA TRP B 128 8.82 -2.74 -18.11
C TRP B 128 7.40 -2.66 -18.69
N PHE B 129 7.15 -1.67 -19.55
CA PHE B 129 5.79 -1.46 -19.99
C PHE B 129 5.27 -2.62 -20.84
N ASP B 130 6.01 -2.97 -21.88
CA ASP B 130 5.62 -4.04 -22.78
C ASP B 130 5.54 -5.37 -22.07
N VAL B 131 6.47 -5.62 -21.16
CA VAL B 131 6.49 -6.90 -20.47
C VAL B 131 5.29 -7.07 -19.57
N VAL B 132 5.01 -6.05 -18.76
CA VAL B 132 3.88 -6.14 -17.86
C VAL B 132 2.59 -6.20 -18.67
N ASN B 133 2.47 -5.35 -19.67
CA ASN B 133 1.24 -5.22 -20.44
C ASN B 133 0.89 -6.52 -21.17
N THR B 134 1.91 -7.15 -21.75
CA THR B 134 1.78 -8.44 -22.35
C THR B 134 1.48 -9.58 -21.34
N ASN B 135 2.18 -9.62 -20.21
CA ASN B 135 1.88 -10.64 -19.22
C ASN B 135 0.49 -10.53 -18.70
N LEU B 136 -0.01 -9.31 -18.47
CA LEU B 136 -1.37 -9.20 -17.95
C LEU B 136 -2.39 -9.55 -19.02
N ASN B 137 -2.07 -9.27 -20.28
CA ASN B 137 -2.95 -9.71 -21.37
C ASN B 137 -3.02 -11.21 -21.49
N SER B 138 -1.89 -11.87 -21.30
CA SER B 138 -1.87 -13.33 -21.23
C SER B 138 -2.63 -13.92 -20.04
N LEU B 139 -2.40 -13.41 -18.83
CA LEU B 139 -3.13 -13.88 -17.70
C LEU B 139 -4.63 -13.79 -17.99
N TYR B 140 -5.06 -12.65 -18.55
CA TYR B 140 -6.46 -12.42 -18.81
C TYR B 140 -7.05 -13.41 -19.83
N ARG B 141 -6.35 -13.62 -20.93
CA ARG B 141 -6.77 -14.59 -21.93
C ARG B 141 -7.00 -15.98 -21.30
N LEU B 142 -6.01 -16.48 -20.58
CA LEU B 142 -6.09 -17.83 -20.03
C LEU B 142 -7.19 -17.91 -19.00
N SER B 143 -7.22 -16.92 -18.13
CA SER B 143 -8.17 -16.90 -17.03
C SER B 143 -9.58 -16.90 -17.58
N LYS B 144 -9.83 -16.07 -18.59
CA LYS B 144 -11.16 -16.01 -19.17
C LYS B 144 -11.56 -17.35 -19.79
N ALA B 145 -10.65 -17.99 -20.51
CA ALA B 145 -10.92 -19.29 -21.03
C ALA B 145 -11.22 -20.38 -19.98
N VAL B 146 -10.44 -20.47 -18.87
CA VAL B 146 -10.64 -21.53 -17.90
C VAL B 146 -11.83 -21.25 -17.04
N LEU B 147 -12.28 -20.00 -17.01
CA LEU B 147 -13.45 -19.66 -16.10
C LEU B 147 -14.77 -20.32 -16.45
N ARG B 148 -14.97 -20.65 -17.71
CA ARG B 148 -16.21 -21.36 -18.13
C ARG B 148 -16.39 -22.63 -17.39
N GLY B 149 -15.31 -23.40 -17.34
CA GLY B 149 -15.35 -24.67 -16.61
C GLY B 149 -15.49 -24.52 -15.13
N MET B 150 -14.92 -23.45 -14.57
CA MET B 150 -15.09 -23.22 -13.13
C MET B 150 -16.48 -22.74 -12.81
N THR B 151 -17.00 -21.90 -13.67
CA THR B 151 -18.39 -21.40 -13.52
C THR B 151 -19.36 -22.57 -13.54
N LYS B 152 -19.16 -23.48 -14.48
CA LYS B 152 -20.01 -24.68 -14.59
C LYS B 152 -19.89 -25.54 -13.34
N ALA B 153 -18.67 -25.72 -12.81
CA ALA B 153 -18.52 -26.50 -11.55
C ALA B 153 -18.92 -25.72 -10.31
N ARG B 154 -19.07 -24.40 -10.40
CA ARG B 154 -19.25 -23.53 -9.24
C ARG B 154 -18.16 -23.67 -8.20
N TRP B 155 -16.93 -23.76 -8.68
CA TRP B 155 -15.80 -23.86 -7.82
C TRP B 155 -14.56 -23.64 -8.65
N GLY B 156 -13.57 -22.95 -8.07
CA GLY B 156 -12.35 -22.79 -8.79
C GLY B 156 -11.26 -22.13 -7.96
N ARG B 157 -10.05 -22.28 -8.44
CA ARG B 157 -8.90 -21.63 -7.83
C ARG B 157 -8.04 -21.17 -8.98
N ILE B 158 -7.79 -19.87 -9.06
CA ILE B 158 -6.78 -19.30 -9.98
C ILE B 158 -5.70 -18.70 -9.13
N ILE B 159 -4.46 -19.09 -9.41
CA ILE B 159 -3.37 -18.67 -8.59
C ILE B 159 -2.30 -18.14 -9.54
N ASN B 160 -2.00 -16.85 -9.41
CA ASN B 160 -1.05 -16.21 -10.32
C ASN B 160 0.31 -16.13 -9.63
N ILE B 161 1.36 -16.59 -10.29
CA ILE B 161 2.68 -16.54 -9.72
C ILE B 161 3.44 -15.36 -10.26
N GLY B 162 4.00 -14.53 -9.38
CA GLY B 162 4.69 -13.33 -9.79
C GLY B 162 6.05 -13.70 -10.23
N SER B 163 6.75 -12.78 -10.85
CA SER B 163 8.11 -13.10 -11.28
C SER B 163 9.06 -12.81 -10.16
N VAL B 164 10.08 -13.66 -10.08
CA VAL B 164 11.16 -13.47 -9.14
C VAL B 164 11.92 -12.20 -9.50
N VAL B 165 12.67 -11.65 -8.56
CA VAL B 165 13.55 -10.51 -8.91
C VAL B 165 14.52 -10.94 -10.00
N GLY B 166 14.48 -10.25 -11.14
CA GLY B 166 15.17 -10.66 -12.39
C GLY B 166 16.59 -10.10 -12.62
N ALA B 167 16.93 -9.02 -11.90
CA ALA B 167 18.25 -8.39 -12.02
C ALA B 167 18.52 -7.54 -10.80
N MET B 168 19.80 -7.34 -10.53
CA MET B 168 20.27 -6.57 -9.38
C MET B 168 20.18 -5.06 -9.67
N GLY B 169 19.75 -4.23 -8.71
CA GLY B 169 19.88 -2.75 -8.87
C GLY B 169 18.66 -2.10 -9.53
N ASN B 170 18.76 -0.84 -9.98
CA ASN B 170 17.56 -0.02 -10.24
C ASN B 170 16.57 -0.50 -11.32
N ALA B 171 17.04 -0.82 -12.52
CA ALA B 171 16.14 -1.34 -13.55
C ALA B 171 15.43 -2.63 -13.05
N GLY B 172 16.19 -3.52 -12.42
CA GLY B 172 15.63 -4.74 -11.85
C GLY B 172 14.53 -4.42 -10.85
N GLN B 173 14.75 -3.42 -10.01
CA GLN B 173 13.76 -2.99 -9.01
C GLN B 173 12.50 -2.40 -9.71
N THR B 174 12.73 -1.53 -10.70
CA THR B 174 11.65 -0.90 -11.46
C THR B 174 10.75 -1.93 -12.09
N ASN B 175 11.36 -2.92 -12.74
CA ASN B 175 10.62 -3.94 -13.49
C ASN B 175 9.89 -4.85 -12.54
N TYR B 176 10.58 -5.24 -11.48
CA TYR B 176 9.96 -6.12 -10.49
C TYR B 176 8.76 -5.43 -9.79
N ALA B 177 8.94 -4.18 -9.37
CA ALA B 177 7.89 -3.45 -8.66
C ALA B 177 6.68 -3.25 -9.58
N ALA B 178 6.93 -2.92 -10.84
CA ALA B 178 5.88 -2.71 -11.82
C ALA B 178 5.07 -4.00 -12.11
N ALA B 179 5.78 -5.10 -12.34
CA ALA B 179 5.12 -6.40 -12.53
C ALA B 179 4.37 -6.82 -11.32
N LYS B 180 4.92 -6.58 -10.12
CA LYS B 180 4.20 -6.94 -8.89
C LYS B 180 2.90 -6.12 -8.72
N ALA B 181 2.99 -4.82 -9.01
CA ALA B 181 1.88 -3.92 -8.89
C ALA B 181 0.78 -4.29 -9.87
N GLY B 182 1.14 -4.58 -11.11
CA GLY B 182 0.16 -5.03 -12.08
C GLY B 182 -0.44 -6.38 -11.70
N LEU B 183 0.39 -7.30 -11.26
CA LEU B 183 -0.11 -8.61 -10.73
C LEU B 183 -1.11 -8.42 -9.58
N GLU B 184 -0.74 -7.64 -8.58
CA GLU B 184 -1.65 -7.42 -7.40
C GLU B 184 -3.02 -6.81 -7.78
N GLY B 185 -2.99 -5.76 -8.58
CA GLY B 185 -4.22 -5.11 -8.99
C GLY B 185 -5.08 -6.00 -9.88
N PHE B 186 -4.46 -6.68 -10.81
CA PHE B 186 -5.20 -7.58 -11.68
C PHE B 186 -5.89 -8.67 -10.86
N THR B 187 -5.15 -9.24 -9.93
CA THR B 187 -5.59 -10.38 -9.15
C THR B 187 -6.76 -9.98 -8.25
N ARG B 188 -6.66 -8.80 -7.69
CA ARG B 188 -7.74 -8.27 -6.88
C ARG B 188 -9.00 -8.00 -7.72
N ALA B 189 -8.84 -7.41 -8.90
CA ALA B 189 -9.99 -7.10 -9.77
C ALA B 189 -10.72 -8.36 -10.26
N LEU B 190 -9.94 -9.35 -10.71
CA LEU B 190 -10.54 -10.60 -11.16
C LEU B 190 -11.25 -11.31 -10.02
N ALA B 191 -10.61 -11.34 -8.89
CA ALA B 191 -11.29 -11.95 -7.69
C ALA B 191 -12.66 -11.35 -7.47
N ARG B 192 -12.76 -10.02 -7.59
CA ARG B 192 -14.04 -9.34 -7.41
C ARG B 192 -15.07 -9.75 -8.46
N GLU B 193 -14.65 -9.90 -9.69
CA GLU B 193 -15.54 -10.33 -10.77
C GLU B 193 -16.06 -11.79 -10.63
N VAL B 194 -15.23 -12.74 -10.15
CA VAL B 194 -15.60 -14.14 -10.17
C VAL B 194 -16.03 -14.67 -8.80
N GLY B 195 -15.94 -13.83 -7.79
CA GLY B 195 -16.22 -14.27 -6.43
C GLY B 195 -17.58 -14.97 -6.24
N SER B 196 -18.62 -14.48 -6.87
CA SER B 196 -19.96 -14.97 -6.55
C SER B 196 -20.12 -16.42 -7.02
N ARG B 197 -19.26 -16.88 -7.94
CA ARG B 197 -19.18 -18.26 -8.34
C ARG B 197 -18.29 -19.19 -7.52
N ALA B 198 -17.88 -18.74 -6.31
CA ALA B 198 -17.05 -19.57 -5.41
C ALA B 198 -15.72 -19.96 -6.07
N ILE B 199 -15.28 -19.09 -6.94
CA ILE B 199 -13.95 -19.17 -7.47
C ILE B 199 -13.08 -18.13 -6.75
N THR B 200 -11.93 -18.57 -6.17
CA THR B 200 -10.97 -17.62 -5.63
C THR B 200 -9.87 -17.36 -6.60
N VAL B 201 -9.34 -16.13 -6.49
CA VAL B 201 -8.20 -15.68 -7.34
C VAL B 201 -7.15 -14.98 -6.45
N ASN B 202 -5.92 -15.51 -6.45
CA ASN B 202 -4.89 -15.08 -5.58
C ASN B 202 -3.60 -15.05 -6.29
N ALA B 203 -2.61 -14.42 -5.70
CA ALA B 203 -1.29 -14.40 -6.32
C ALA B 203 -0.25 -14.69 -5.24
N VAL B 204 0.93 -15.14 -5.71
CA VAL B 204 2.04 -15.45 -4.86
C VAL B 204 3.20 -14.64 -5.43
N ALA B 205 3.78 -13.75 -4.65
CA ALA B 205 4.84 -12.88 -5.11
C ALA B 205 6.17 -13.31 -4.50
N PRO B 206 6.98 -14.07 -5.27
CA PRO B 206 8.25 -14.51 -4.75
C PRO B 206 9.23 -13.36 -4.66
N GLY B 207 10.19 -13.51 -3.75
CA GLY B 207 11.34 -12.63 -3.71
C GLY B 207 12.51 -13.25 -4.44
N PHE B 208 13.60 -13.48 -3.74
CA PHE B 208 14.74 -14.14 -4.37
C PHE B 208 14.71 -15.62 -4.09
N ILE B 209 14.54 -16.40 -5.14
CA ILE B 209 14.43 -17.82 -5.02
C ILE B 209 15.63 -18.46 -5.66
N ASP B 210 16.10 -19.58 -5.08
CA ASP B 210 17.19 -20.38 -5.64
C ASP B 210 16.77 -21.01 -6.99
N THR B 211 17.05 -20.30 -8.08
CA THR B 211 16.84 -20.77 -9.45
C THR B 211 18.11 -20.52 -10.24
N ASP B 212 18.08 -20.86 -11.53
CA ASP B 212 19.21 -20.60 -12.42
C ASP B 212 19.68 -19.16 -12.38
N MET B 213 18.75 -18.24 -12.33
CA MET B 213 19.13 -16.84 -12.19
C MET B 213 20.06 -16.53 -11.01
N THR B 214 19.67 -17.02 -9.84
CA THR B 214 20.42 -16.72 -8.63
C THR B 214 21.63 -17.63 -8.49
N ARG B 215 21.55 -18.82 -9.10
CA ARG B 215 22.67 -19.74 -9.11
C ARG B 215 23.86 -19.25 -9.92
N GLU B 216 23.60 -18.53 -11.00
CA GLU B 216 24.69 -18.05 -11.84
C GLU B 216 25.25 -16.71 -11.29
N LEU B 217 24.97 -16.36 -10.04
CA LEU B 217 25.54 -15.14 -9.46
C LEU B 217 26.95 -15.29 -8.86
N PRO B 218 27.81 -14.29 -9.06
CA PRO B 218 29.11 -14.28 -8.39
C PRO B 218 28.99 -14.22 -6.85
N GLU B 219 29.91 -14.86 -6.15
CA GLU B 219 29.89 -14.87 -4.68
C GLU B 219 29.69 -13.50 -4.03
N ALA B 220 30.32 -12.45 -4.54
CA ALA B 220 30.15 -11.13 -3.90
C ALA B 220 28.71 -10.65 -4.04
N GLN B 221 28.10 -10.89 -5.18
CA GLN B 221 26.72 -10.42 -5.44
C GLN B 221 25.75 -11.23 -4.59
N ARG B 222 25.96 -12.55 -4.56
CA ARG B 222 25.17 -13.43 -3.73
C ARG B 222 25.23 -12.95 -2.27
N GLU B 223 26.42 -12.67 -1.75
CA GLU B 223 26.54 -12.24 -0.38
C GLU B 223 25.79 -10.95 -0.09
N ALA B 224 25.93 -10.00 -1.00
CA ALA B 224 25.28 -8.70 -0.80
C ALA B 224 23.75 -8.86 -0.86
N LEU B 225 23.31 -9.74 -1.73
CA LEU B 225 21.92 -10.04 -1.81
C LEU B 225 21.35 -10.69 -0.52
N LEU B 226 22.05 -11.69 0.02
CA LEU B 226 21.68 -12.29 1.27
C LEU B 226 21.55 -11.30 2.40
N GLY B 227 22.43 -10.31 2.40
CA GLY B 227 22.40 -9.25 3.42
C GLY B 227 21.17 -8.35 3.36
N GLN B 228 20.44 -8.35 2.26
CA GLN B 228 19.16 -7.66 2.19
C GLN B 228 17.89 -8.54 2.53
N ILE B 229 18.10 -9.79 2.89
CA ILE B 229 17.04 -10.71 3.15
C ILE B 229 17.13 -11.04 4.62
N PRO B 230 16.14 -10.61 5.39
CA PRO B 230 16.17 -10.93 6.84
C PRO B 230 16.38 -12.37 7.25
N LEU B 231 15.72 -13.33 6.58
CA LEU B 231 16.00 -14.74 6.85
C LEU B 231 17.44 -15.17 6.43
N GLY B 232 18.15 -14.38 5.65
CA GLY B 232 19.55 -14.65 5.37
C GLY B 232 19.79 -15.81 4.40
N ARG B 233 18.79 -16.18 3.58
CA ARG B 233 18.97 -17.22 2.62
C ARG B 233 18.01 -16.99 1.46
N LEU B 234 18.29 -17.63 0.32
CA LEU B 234 17.37 -17.68 -0.80
C LEU B 234 16.23 -18.66 -0.51
N GLY B 235 15.08 -18.41 -1.13
CA GLY B 235 13.94 -19.28 -0.99
C GLY B 235 14.10 -20.49 -1.88
N GLN B 236 13.42 -21.56 -1.53
CA GLN B 236 13.41 -22.76 -2.34
C GLN B 236 12.16 -22.79 -3.19
N ALA B 237 12.27 -23.30 -4.42
CA ALA B 237 11.11 -23.45 -5.29
C ALA B 237 9.94 -24.18 -4.57
N GLU B 238 10.30 -25.15 -3.75
CA GLU B 238 9.33 -25.94 -2.97
C GLU B 238 8.57 -25.06 -1.97
N GLU B 239 9.19 -23.99 -1.52
CA GLU B 239 8.58 -23.08 -0.54
C GLU B 239 7.51 -22.17 -1.21
N ILE B 240 7.67 -21.89 -2.50
CA ILE B 240 6.61 -21.30 -3.31
C ILE B 240 5.52 -22.33 -3.52
N ALA B 241 5.89 -23.59 -3.83
CA ALA B 241 4.90 -24.60 -4.15
C ALA B 241 4.00 -24.89 -2.98
N LYS B 242 4.55 -24.87 -1.78
CA LYS B 242 3.71 -25.14 -0.57
C LYS B 242 2.62 -24.09 -0.35
N VAL B 243 2.93 -22.83 -0.61
CA VAL B 243 1.99 -21.73 -0.47
C VAL B 243 0.87 -21.92 -1.49
N VAL B 244 1.21 -22.27 -2.70
CA VAL B 244 0.25 -22.53 -3.78
C VAL B 244 -0.63 -23.73 -3.45
N GLY B 245 -0.04 -24.78 -2.89
CA GLY B 245 -0.75 -25.96 -2.51
C GLY B 245 -1.79 -25.57 -1.46
N PHE B 246 -1.41 -24.75 -0.50
CA PHE B 246 -2.40 -24.25 0.51
C PHE B 246 -3.53 -23.38 -0.12
N LEU B 247 -3.18 -22.48 -1.02
CA LEU B 247 -4.18 -21.61 -1.61
C LEU B 247 -5.16 -22.45 -2.41
N ALA B 248 -4.66 -23.57 -3.00
CA ALA B 248 -5.54 -24.48 -3.78
C ALA B 248 -6.54 -25.28 -2.92
N SER B 249 -6.30 -25.35 -1.61
CA SER B 249 -7.07 -26.19 -0.70
C SER B 249 -8.38 -25.54 -0.22
N ASP B 250 -9.16 -26.34 0.46
CA ASP B 250 -10.46 -25.89 0.93
C ASP B 250 -10.32 -24.92 2.07
N GLY B 251 -9.26 -25.04 2.84
CA GLY B 251 -9.15 -24.18 4.00
C GLY B 251 -8.76 -22.76 3.63
N ALA B 252 -8.40 -22.53 2.36
CA ALA B 252 -8.12 -21.19 1.84
C ALA B 252 -9.34 -20.60 1.12
N ALA B 253 -10.53 -21.15 1.39
CA ALA B 253 -11.70 -20.78 0.59
C ALA B 253 -12.14 -19.34 0.85
N TYR B 254 -11.73 -18.74 1.97
CA TYR B 254 -12.11 -17.37 2.23
C TYR B 254 -11.02 -16.37 1.88
N VAL B 255 -9.90 -16.86 1.34
CA VAL B 255 -8.84 -16.03 0.81
C VAL B 255 -9.09 -15.80 -0.66
N THR B 256 -9.33 -14.55 -1.03
CA THR B 256 -9.40 -14.21 -2.39
C THR B 256 -9.02 -12.76 -2.57
N GLY B 257 -8.41 -12.47 -3.71
CA GLY B 257 -7.92 -11.16 -4.08
C GLY B 257 -6.54 -10.84 -3.49
N ALA B 258 -5.96 -11.82 -2.81
CA ALA B 258 -4.83 -11.57 -1.98
C ALA B 258 -3.57 -11.88 -2.73
N THR B 259 -2.51 -11.17 -2.37
CA THR B 259 -1.20 -11.51 -2.99
C THR B 259 -0.33 -11.90 -1.78
N VAL B 260 0.15 -13.15 -1.70
CA VAL B 260 1.00 -13.60 -0.61
C VAL B 260 2.48 -13.45 -0.95
N PRO B 261 3.20 -12.62 -0.19
CA PRO B 261 4.61 -12.44 -0.49
C PRO B 261 5.42 -13.57 0.15
N VAL B 262 6.27 -14.20 -0.66
CA VAL B 262 7.10 -15.29 -0.21
C VAL B 262 8.55 -14.90 -0.48
N ASN B 263 9.11 -14.12 0.41
CA ASN B 263 10.32 -13.38 0.14
C ASN B 263 11.31 -13.25 1.29
N GLY B 264 11.13 -14.07 2.32
CA GLY B 264 12.00 -14.05 3.51
C GLY B 264 12.15 -12.73 4.17
N GLY B 265 11.17 -11.86 4.00
CA GLY B 265 11.14 -10.55 4.65
C GLY B 265 11.73 -9.44 3.82
N MET B 266 12.22 -9.73 2.59
CA MET B 266 12.77 -8.69 1.69
C MET B 266 11.62 -8.10 0.89
N TYR B 267 11.15 -6.92 1.31
CA TYR B 267 10.07 -6.20 0.58
C TYR B 267 10.60 -5.03 -0.33
N MET B 268 10.33 -5.10 -1.62
CA MET B 268 10.72 -4.05 -2.59
C MET B 268 9.43 -3.66 -3.29
N SER B 269 9.13 -2.37 -3.45
CA SER B 269 8.01 -1.97 -4.32
C SER B 269 8.20 -0.52 -4.89
N TYR C 19 -1.34 -44.33 16.79
CA TYR C 19 -0.14 -44.64 17.65
C TYR C 19 1.10 -43.91 17.16
N PHE C 20 1.57 -44.11 15.93
CA PHE C 20 2.39 -43.08 15.30
C PHE C 20 1.71 -42.41 14.13
N GLN C 21 1.53 -41.11 14.22
CA GLN C 21 1.15 -40.36 13.07
C GLN C 21 2.03 -39.14 12.96
N SER C 22 2.40 -38.76 11.75
CA SER C 22 3.36 -37.66 11.59
C SER C 22 2.52 -36.45 11.32
N MET C 23 2.55 -35.53 12.27
CA MET C 23 1.65 -34.40 12.24
C MET C 23 2.54 -33.21 11.99
N SER C 24 2.01 -32.22 11.30
CA SER C 24 2.84 -31.21 10.75
C SER C 24 3.42 -30.35 11.85
N LEU C 25 2.81 -30.26 13.06
CA LEU C 25 3.40 -29.51 14.15
C LEU C 25 3.80 -30.39 15.33
N GLN C 26 3.95 -31.66 15.06
CA GLN C 26 4.39 -32.58 16.11
C GLN C 26 5.65 -32.13 16.79
N GLY C 27 5.69 -32.25 18.08
CA GLY C 27 6.83 -31.84 18.83
C GLY C 27 6.80 -30.35 19.22
N LYS C 28 5.77 -29.59 18.82
CA LYS C 28 5.81 -28.12 19.06
C LYS C 28 4.86 -27.73 20.16
N VAL C 29 5.23 -26.69 20.91
CA VAL C 29 4.34 -26.10 21.92
C VAL C 29 3.87 -24.75 21.36
N ALA C 30 2.56 -24.59 21.28
CA ALA C 30 1.91 -23.44 20.70
C ALA C 30 1.18 -22.70 21.80
N LEU C 31 1.45 -21.41 21.92
CA LEU C 31 0.72 -20.54 22.83
C LEU C 31 -0.28 -19.75 22.00
N VAL C 32 -1.56 -19.80 22.36
CA VAL C 32 -2.60 -19.08 21.67
C VAL C 32 -3.34 -18.19 22.66
N THR C 33 -3.21 -16.90 22.53
CA THR C 33 -3.82 -16.00 23.45
C THR C 33 -5.26 -15.76 23.05
N GLY C 34 -6.15 -15.60 24.03
CA GLY C 34 -7.53 -15.34 23.71
C GLY C 34 -8.19 -16.53 23.08
N ALA C 35 -8.05 -17.70 23.70
CA ALA C 35 -8.50 -18.94 23.06
C ALA C 35 -9.85 -19.52 23.55
N SER C 36 -10.58 -18.76 24.34
CA SER C 36 -11.81 -19.33 24.94
C SER C 36 -13.02 -19.43 23.99
N ARG C 37 -13.05 -18.65 22.92
CA ARG C 37 -14.19 -18.69 21.99
C ARG C 37 -13.75 -18.22 20.62
N GLY C 38 -14.62 -18.39 19.62
CA GLY C 38 -14.46 -17.75 18.31
C GLY C 38 -13.21 -18.14 17.55
N ILE C 39 -12.57 -17.13 17.00
CA ILE C 39 -11.35 -17.31 16.21
C ILE C 39 -10.25 -17.99 17.06
N GLY C 40 -9.99 -17.47 18.25
CA GLY C 40 -8.90 -18.00 19.10
C GLY C 40 -9.13 -19.47 19.43
N GLN C 41 -10.37 -19.82 19.76
CA GLN C 41 -10.64 -21.20 20.02
C GLN C 41 -10.46 -22.08 18.81
N ALA C 42 -10.93 -21.63 17.64
CA ALA C 42 -10.75 -22.40 16.40
C ALA C 42 -9.25 -22.56 16.08
N ILE C 43 -8.46 -21.53 16.34
CA ILE C 43 -6.96 -21.64 16.14
C ILE C 43 -6.37 -22.67 17.10
N ALA C 44 -6.81 -22.66 18.38
CA ALA C 44 -6.31 -23.64 19.36
C ALA C 44 -6.63 -25.05 18.96
N LEU C 45 -7.84 -25.28 18.50
CA LEU C 45 -8.25 -26.62 18.04
C LEU C 45 -7.51 -27.03 16.77
N GLU C 46 -7.33 -26.10 15.85
CA GLU C 46 -6.62 -26.40 14.59
C GLU C 46 -5.14 -26.74 14.85
N LEU C 47 -4.46 -25.99 15.69
CA LEU C 47 -3.04 -26.30 15.95
C LEU C 47 -2.93 -27.66 16.68
N GLY C 48 -3.89 -27.95 17.55
CA GLY C 48 -3.95 -29.25 18.23
C GLY C 48 -4.15 -30.40 17.26
N ARG C 49 -5.04 -30.22 16.30
CA ARG C 49 -5.29 -31.25 15.28
C ARG C 49 -4.04 -31.47 14.46
N LEU C 50 -3.25 -30.42 14.27
CA LEU C 50 -1.96 -30.54 13.53
C LEU C 50 -0.83 -31.08 14.39
N GLY C 51 -1.13 -31.43 15.63
CA GLY C 51 -0.17 -32.15 16.44
C GLY C 51 0.54 -31.36 17.51
N ALA C 52 0.29 -30.07 17.61
CA ALA C 52 1.00 -29.29 18.64
C ALA C 52 0.44 -29.58 20.03
N VAL C 53 1.27 -29.37 21.02
CA VAL C 53 0.82 -29.16 22.38
C VAL C 53 0.36 -27.69 22.51
N VAL C 54 -0.87 -27.47 22.97
CA VAL C 54 -1.48 -26.19 22.92
C VAL C 54 -1.78 -25.63 24.29
N ILE C 55 -1.24 -24.45 24.56
CA ILE C 55 -1.67 -23.59 25.66
C ILE C 55 -2.52 -22.42 25.21
N GLY C 56 -3.79 -22.45 25.55
CA GLY C 56 -4.74 -21.38 25.29
C GLY C 56 -4.84 -20.50 26.49
N THR C 57 -4.97 -19.21 26.27
CA THR C 57 -5.20 -18.31 27.39
C THR C 57 -6.49 -17.53 27.38
N ALA C 58 -6.91 -17.10 28.58
CA ALA C 58 -8.03 -16.22 28.72
C ALA C 58 -7.69 -15.25 29.83
N THR C 59 -8.55 -14.24 29.99
CA THR C 59 -8.33 -13.23 31.05
C THR C 59 -8.93 -13.66 32.37
N SER C 60 -9.68 -14.74 32.38
CA SER C 60 -10.32 -15.17 33.63
C SER C 60 -10.09 -16.63 33.87
N ALA C 61 -10.22 -16.99 35.12
CA ALA C 61 -10.12 -18.39 35.55
C ALA C 61 -11.13 -19.28 34.88
N SER C 62 -12.37 -18.83 34.71
CA SER C 62 -13.36 -19.68 34.07
C SER C 62 -13.07 -19.85 32.59
N GLY C 63 -12.60 -18.80 31.94
CA GLY C 63 -12.16 -18.88 30.54
C GLY C 63 -11.12 -19.96 30.42
N ALA C 64 -10.17 -19.93 31.33
CA ALA C 64 -9.03 -20.83 31.28
C ALA C 64 -9.50 -22.24 31.42
N GLU C 65 -10.47 -22.42 32.31
CA GLU C 65 -10.99 -23.74 32.56
C GLU C 65 -11.80 -24.25 31.36
N LYS C 66 -12.59 -23.37 30.74
CA LYS C 66 -13.29 -23.71 29.53
C LYS C 66 -12.35 -24.15 28.42
N ILE C 67 -11.23 -23.42 28.27
CA ILE C 67 -10.19 -23.80 27.32
C ILE C 67 -9.66 -25.20 27.60
N ALA C 68 -9.32 -25.46 28.85
CA ALA C 68 -8.77 -26.78 29.24
C ALA C 68 -9.78 -27.90 28.94
N GLU C 69 -11.07 -27.66 29.22
CA GLU C 69 -12.12 -28.66 28.91
C GLU C 69 -12.31 -28.89 27.41
N THR C 70 -12.25 -27.81 26.63
CA THR C 70 -12.38 -27.92 25.18
C THR C 70 -11.22 -28.68 24.59
N LEU C 71 -10.01 -28.42 25.07
CA LEU C 71 -8.84 -29.14 24.56
C LEU C 71 -9.00 -30.64 24.84
N LYS C 72 -9.39 -30.98 26.07
CA LYS C 72 -9.58 -32.37 26.46
C LYS C 72 -10.67 -33.04 25.60
N ALA C 73 -11.82 -32.40 25.42
CA ALA C 73 -12.89 -32.95 24.60
C ALA C 73 -12.44 -33.26 23.18
N ASN C 74 -11.48 -32.49 22.67
CA ASN C 74 -10.96 -32.74 21.32
C ASN C 74 -9.66 -33.50 21.27
N GLY C 75 -9.25 -34.11 22.37
CA GLY C 75 -8.06 -34.95 22.38
C GLY C 75 -6.76 -34.17 22.23
N VAL C 76 -6.73 -32.91 22.67
CA VAL C 76 -5.52 -32.11 22.49
C VAL C 76 -4.81 -31.97 23.81
N GLU C 77 -3.54 -32.35 23.83
CA GLU C 77 -2.66 -32.08 24.97
C GLU C 77 -2.37 -30.60 25.11
N GLY C 78 -2.39 -30.11 26.36
CA GLY C 78 -1.98 -28.74 26.65
C GLY C 78 -2.67 -28.23 27.89
N ALA C 79 -3.07 -26.98 27.85
CA ALA C 79 -3.58 -26.34 29.08
C ALA C 79 -4.32 -25.06 28.79
N GLY C 80 -5.20 -24.66 29.73
CA GLY C 80 -5.76 -23.36 29.73
C GLY C 80 -5.22 -22.53 30.89
N LEU C 81 -4.82 -21.30 30.61
CA LEU C 81 -4.15 -20.46 31.56
C LEU C 81 -4.73 -19.08 31.56
N VAL C 82 -4.60 -18.39 32.69
CA VAL C 82 -5.00 -17.00 32.79
C VAL C 82 -3.83 -16.11 32.41
N LEU C 83 -4.06 -15.23 31.43
CA LEU C 83 -3.01 -14.28 31.00
C LEU C 83 -3.63 -12.94 30.69
N ASP C 84 -2.96 -11.91 31.16
CA ASP C 84 -3.32 -10.55 30.88
C ASP C 84 -2.12 -9.93 30.16
N VAL C 85 -2.25 -9.77 28.82
CA VAL C 85 -1.15 -9.38 27.98
C VAL C 85 -0.73 -7.93 28.19
N SER C 86 -1.56 -7.17 28.91
CA SER C 86 -1.23 -5.81 29.23
C SER C 86 -0.38 -5.70 30.50
N SER C 87 -0.08 -6.82 31.17
CA SER C 87 0.68 -6.79 32.43
C SER C 87 2.04 -7.51 32.34
N ASP C 88 3.13 -6.77 32.52
CA ASP C 88 4.45 -7.38 32.54
C ASP C 88 4.51 -8.57 33.51
N GLU C 89 3.86 -8.45 34.67
CA GLU C 89 3.94 -9.49 35.71
C GLU C 89 3.23 -10.73 35.21
N SER C 90 2.03 -10.56 34.65
CA SER C 90 1.28 -11.70 34.15
C SER C 90 2.01 -12.37 32.99
N VAL C 91 2.54 -11.59 32.09
CA VAL C 91 3.33 -12.17 30.99
C VAL C 91 4.53 -12.98 31.50
N ALA C 92 5.37 -12.38 32.34
CA ALA C 92 6.60 -13.06 32.80
C ALA C 92 6.32 -14.31 33.63
N ALA C 93 5.33 -14.19 34.51
CA ALA C 93 4.92 -15.29 35.34
C ALA C 93 4.30 -16.45 34.53
N THR C 94 3.41 -16.12 33.61
CA THR C 94 2.79 -17.13 32.74
C THR C 94 3.80 -17.88 31.87
N LEU C 95 4.73 -17.16 31.27
CA LEU C 95 5.76 -17.82 30.44
CA LEU C 95 5.76 -17.82 30.44
C LEU C 95 6.66 -18.72 31.27
N GLU C 96 7.04 -18.23 32.45
CA GLU C 96 7.88 -19.06 33.32
C GLU C 96 7.13 -20.35 33.68
N HIS C 97 5.85 -20.21 34.02
CA HIS C 97 5.04 -21.40 34.27
C HIS C 97 5.02 -22.38 33.13
N ILE C 98 4.79 -21.87 31.91
CA ILE C 98 4.76 -22.73 30.73
C ILE C 98 6.11 -23.43 30.51
N GLN C 99 7.20 -22.67 30.61
CA GLN C 99 8.56 -23.23 30.46
C GLN C 99 8.78 -24.44 31.37
N GLN C 100 8.44 -24.27 32.64
CA GLN C 100 8.71 -25.28 33.64
C GLN C 100 7.87 -26.51 33.43
N HIS C 101 6.62 -26.36 33.04
CA HIS C 101 5.69 -27.49 33.01
C HIS C 101 5.46 -28.09 31.64
N LEU C 102 5.43 -27.27 30.59
CA LEU C 102 5.18 -27.81 29.27
C LEU C 102 6.31 -27.72 28.26
N GLY C 103 7.24 -26.78 28.41
CA GLY C 103 8.27 -26.52 27.42
C GLY C 103 8.20 -25.10 26.83
N GLN C 104 9.15 -24.80 25.95
CA GLN C 104 9.32 -23.47 25.39
C GLN C 104 8.28 -23.30 24.24
N PRO C 105 7.41 -22.28 24.33
CA PRO C 105 6.44 -22.10 23.22
C PRO C 105 7.15 -21.52 22.01
N LEU C 106 7.25 -22.31 20.96
CA LEU C 106 7.94 -21.85 19.72
C LEU C 106 6.96 -21.40 18.61
N ILE C 107 5.67 -21.66 18.79
CA ILE C 107 4.61 -21.10 17.96
C ILE C 107 3.80 -20.21 18.89
N VAL C 108 3.68 -18.94 18.56
CA VAL C 108 2.87 -18.04 19.37
C VAL C 108 1.86 -17.28 18.52
N VAL C 109 0.57 -17.40 18.87
CA VAL C 109 -0.50 -16.75 18.15
C VAL C 109 -1.17 -15.74 19.02
N ASN C 110 -1.05 -14.49 18.64
CA ASN C 110 -1.60 -13.38 19.45
C ASN C 110 -2.95 -13.03 18.91
N ASN C 111 -3.96 -13.37 19.69
CA ASN C 111 -5.30 -13.10 19.30
C ASN C 111 -6.03 -12.28 20.37
N ALA C 112 -5.47 -12.19 21.58
CA ALA C 112 -6.01 -11.32 22.67
C ALA C 112 -5.87 -9.79 22.46
N GLY C 113 -6.95 -9.05 22.66
CA GLY C 113 -6.95 -7.57 22.66
C GLY C 113 -7.84 -7.02 23.77
N ILE C 114 -8.01 -5.70 23.92
CA ILE C 114 -8.85 -5.17 25.03
C ILE C 114 -10.36 -5.39 24.85
N ASP C 126 -13.25 8.47 18.54
CA ASP C 126 -11.90 8.89 18.93
C ASP C 126 -11.03 7.83 19.64
N GLU C 127 -11.59 6.63 19.82
CA GLU C 127 -10.96 5.57 20.60
C GLU C 127 -9.97 4.72 19.79
N TRP C 128 -9.96 4.87 18.47
CA TRP C 128 -9.05 4.13 17.60
C TRP C 128 -7.61 4.22 18.08
N PHE C 129 -7.21 5.39 18.57
CA PHE C 129 -5.84 5.56 18.95
C PHE C 129 -5.44 4.67 20.09
N ASP C 130 -6.13 4.81 21.21
CA ASP C 130 -5.82 4.07 22.41
C ASP C 130 -5.90 2.56 22.18
N VAL C 131 -6.86 2.10 21.39
CA VAL C 131 -7.04 0.69 21.14
C VAL C 131 -5.91 0.13 20.35
N VAL C 132 -5.56 0.80 19.26
CA VAL C 132 -4.47 0.32 18.42
C VAL C 132 -3.15 0.41 19.18
N ASN C 133 -2.95 1.53 19.83
CA ASN C 133 -1.66 1.80 20.49
C ASN C 133 -1.40 0.82 21.60
N THR C 134 -2.44 0.54 22.37
CA THR C 134 -2.36 -0.47 23.42
C THR C 134 -2.21 -1.88 22.92
N ASN C 135 -2.95 -2.25 21.89
CA ASN C 135 -2.80 -3.59 21.34
C ASN C 135 -1.43 -3.80 20.81
N LEU C 136 -0.85 -2.83 20.13
CA LEU C 136 0.49 -3.01 19.59
C LEU C 136 1.50 -3.04 20.72
N ASN C 137 1.27 -2.29 21.78
CA ASN C 137 2.14 -2.40 22.98
C ASN C 137 2.06 -3.79 23.63
N SER C 138 0.87 -4.36 23.71
CA SER C 138 0.72 -5.75 24.15
C SER C 138 1.35 -6.79 23.24
N LEU C 139 1.15 -6.69 21.93
CA LEU C 139 1.81 -7.58 21.02
C LEU C 139 3.29 -7.55 21.29
N TYR C 140 3.85 -6.33 21.39
CA TYR C 140 5.29 -6.18 21.56
C TYR C 140 5.78 -6.84 22.86
N ARG C 141 5.09 -6.62 23.97
CA ARG C 141 5.47 -7.17 25.28
C ARG C 141 5.54 -8.69 25.16
N LEU C 142 4.48 -9.30 24.64
CA LEU C 142 4.43 -10.75 24.52
C LEU C 142 5.49 -11.28 23.60
N SER C 143 5.60 -10.64 22.45
CA SER C 143 6.56 -11.05 21.44
C SER C 143 7.99 -11.01 21.96
N LYS C 144 8.32 -9.93 22.66
CA LYS C 144 9.64 -9.79 23.23
C LYS C 144 9.90 -10.92 24.23
N ALA C 145 8.92 -11.23 25.06
CA ALA C 145 9.09 -12.27 26.07
C ALA C 145 9.30 -13.69 25.46
N VAL C 146 8.57 -14.04 24.39
CA VAL C 146 8.71 -15.38 23.82
C VAL C 146 9.90 -15.52 22.89
N LEU C 147 10.47 -14.42 22.43
CA LEU C 147 11.64 -14.47 21.51
C LEU C 147 12.93 -15.08 22.05
N ARG C 148 13.18 -14.94 23.34
CA ARG C 148 14.39 -15.54 23.91
C ARG C 148 14.40 -17.07 23.71
N GLY C 149 13.27 -17.72 23.95
CA GLY C 149 13.18 -19.16 23.68
C GLY C 149 13.35 -19.49 22.20
N MET C 150 12.85 -18.62 21.33
CA MET C 150 12.94 -18.94 19.89
C MET C 150 14.37 -18.72 19.44
N THR C 151 14.99 -17.67 19.96
CA THR C 151 16.38 -17.34 19.64
C THR C 151 17.24 -18.54 20.01
N LYS C 152 17.01 -19.07 21.20
CA LYS C 152 17.76 -20.23 21.65
C LYS C 152 17.54 -21.42 20.75
N ALA C 153 16.30 -21.70 20.37
CA ALA C 153 16.03 -22.86 19.50
C ALA C 153 16.42 -22.59 18.05
N ARG C 154 16.68 -21.35 17.67
CA ARG C 154 16.84 -20.94 16.27
C ARG C 154 15.66 -21.32 15.37
N TRP C 155 14.46 -21.18 15.90
CA TRP C 155 13.29 -21.45 15.15
C TRP C 155 12.10 -20.83 15.87
N GLY C 156 11.16 -20.29 15.09
CA GLY C 156 9.98 -19.73 15.72
C GLY C 156 8.90 -19.32 14.72
N ARG C 157 7.68 -19.17 15.22
CA ARG C 157 6.58 -18.63 14.46
C ARG C 157 5.81 -17.71 15.39
N ILE C 158 5.71 -16.44 15.04
CA ILE C 158 4.81 -15.52 15.68
C ILE C 158 3.75 -15.17 14.65
N ILE C 159 2.49 -15.28 15.04
CA ILE C 159 1.40 -15.01 14.14
C ILE C 159 0.41 -14.09 14.82
N ASN C 160 0.22 -12.90 14.24
CA ASN C 160 -0.65 -11.89 14.85
C ASN C 160 -2.00 -11.89 14.17
N ILE C 161 -3.07 -11.99 14.95
CA ILE C 161 -4.38 -11.96 14.39
C ILE C 161 -4.99 -10.60 14.49
N GLY C 162 -5.47 -10.07 13.37
CA GLY C 162 -6.04 -8.71 13.35
C GLY C 162 -7.46 -8.76 13.86
N SER C 163 -8.06 -7.60 14.08
CA SER C 163 -9.48 -7.57 14.55
C SER C 163 -10.41 -7.68 13.40
N VAL C 164 -11.56 -8.35 13.62
CA VAL C 164 -12.60 -8.43 12.62
C VAL C 164 -13.26 -7.04 12.52
N VAL C 165 -13.99 -6.81 11.45
CA VAL C 165 -14.73 -5.55 11.37
C VAL C 165 -15.73 -5.52 12.51
N GLY C 166 -15.63 -4.48 13.35
CA GLY C 166 -16.34 -4.39 14.63
C GLY C 166 -17.73 -3.74 14.57
N ALA C 167 -17.99 -2.94 13.53
CA ALA C 167 -19.23 -2.21 13.42
C ALA C 167 -19.38 -1.72 11.99
N MET C 168 -20.63 -1.52 11.62
CA MET C 168 -21.03 -1.01 10.32
C MET C 168 -20.94 0.48 10.47
N GLY C 169 -20.41 1.16 9.46
CA GLY C 169 -20.43 2.61 9.42
C GLY C 169 -19.02 3.13 9.45
N ASN C 170 -18.92 4.45 9.35
CA ASN C 170 -17.66 5.16 9.25
C ASN C 170 -16.71 4.92 10.44
N ALA C 171 -17.20 5.00 11.68
CA ALA C 171 -16.32 4.72 12.81
C ALA C 171 -15.75 3.28 12.73
N GLY C 172 -16.61 2.33 12.39
CA GLY C 172 -16.19 0.94 12.21
C GLY C 172 -15.09 0.82 11.17
N GLN C 173 -15.24 1.56 10.08
CA GLN C 173 -14.23 1.51 8.98
C GLN C 173 -12.90 2.15 9.48
N THR C 174 -13.02 3.30 10.15
CA THR C 174 -11.86 4.03 10.65
C THR C 174 -11.01 3.15 11.56
N ASN C 175 -11.68 2.51 12.53
CA ASN C 175 -11.03 1.70 13.53
C ASN C 175 -10.43 0.48 12.92
N TYR C 176 -11.16 -0.16 12.01
CA TYR C 176 -10.65 -1.33 11.35
C TYR C 176 -9.43 -1.03 10.45
N ALA C 177 -9.50 0.05 9.67
CA ALA C 177 -8.38 0.40 8.79
C ALA C 177 -7.13 0.75 9.64
N ALA C 178 -7.33 1.48 10.72
CA ALA C 178 -6.23 1.90 11.59
C ALA C 178 -5.53 0.70 12.25
N ALA C 179 -6.32 -0.22 12.76
CA ALA C 179 -5.78 -1.43 13.37
C ALA C 179 -5.04 -2.26 12.36
N LYS C 180 -5.59 -2.39 11.14
CA LYS C 180 -4.97 -3.23 10.13
C LYS C 180 -3.62 -2.62 9.66
N ALA C 181 -3.58 -1.31 9.51
CA ALA C 181 -2.39 -0.58 9.10
C ALA C 181 -1.27 -0.69 10.17
N GLY C 182 -1.63 -0.56 11.42
CA GLY C 182 -0.66 -0.77 12.53
C GLY C 182 -0.19 -2.21 12.61
N LEU C 183 -1.10 -3.16 12.48
CA LEU C 183 -0.77 -4.58 12.47
C LEU C 183 0.24 -4.90 11.34
N GLU C 184 -0.07 -4.49 10.14
CA GLU C 184 0.82 -4.73 9.01
C GLU C 184 2.23 -4.16 9.19
N GLY C 185 2.31 -2.88 9.57
CA GLY C 185 3.60 -2.25 9.78
C GLY C 185 4.39 -2.87 10.92
N PHE C 186 3.73 -3.16 12.03
CA PHE C 186 4.39 -3.78 13.13
C PHE C 186 4.96 -5.15 12.79
N THR C 187 4.15 -5.94 12.08
CA THR C 187 4.43 -7.33 11.81
C THR C 187 5.66 -7.33 10.84
N ARG C 188 5.67 -6.40 9.91
CA ARG C 188 6.79 -6.34 8.94
C ARG C 188 8.10 -5.91 9.65
N ALA C 189 8.02 -4.94 10.58
CA ALA C 189 9.18 -4.48 11.32
C ALA C 189 9.77 -5.56 12.23
N LEU C 190 8.92 -6.25 12.99
CA LEU C 190 9.37 -7.31 13.85
C LEU C 190 9.97 -8.44 13.07
N ALA C 191 9.33 -8.79 11.97
CA ALA C 191 9.93 -9.81 11.06
C ALA C 191 11.33 -9.47 10.64
N ARG C 192 11.56 -8.21 10.23
CA ARG C 192 12.90 -7.75 9.89
C ARG C 192 13.91 -7.86 11.04
N GLU C 193 13.48 -7.57 12.26
CA GLU C 193 14.35 -7.64 13.42
C GLU C 193 14.75 -9.08 13.73
N VAL C 194 13.84 -10.07 13.61
CA VAL C 194 14.12 -11.42 14.11
C VAL C 194 14.44 -12.47 13.05
N GLY C 195 14.41 -12.05 11.80
CA GLY C 195 14.57 -12.93 10.68
C GLY C 195 15.83 -13.77 10.77
N SER C 196 16.94 -13.19 11.23
CA SER C 196 18.23 -13.91 11.09
C SER C 196 18.26 -15.20 11.94
N ARG C 197 17.36 -15.25 12.91
CA ARG C 197 17.20 -16.45 13.74
C ARG C 197 16.21 -17.52 13.23
N ALA C 198 15.79 -17.45 11.98
CA ALA C 198 14.82 -18.36 11.40
C ALA C 198 13.51 -18.36 12.25
N ILE C 199 13.18 -17.18 12.73
CA ILE C 199 11.86 -16.93 13.30
C ILE C 199 11.05 -16.12 12.30
N THR C 200 9.88 -16.62 11.90
CA THR C 200 9.01 -15.84 11.06
C THR C 200 7.92 -15.13 11.86
N VAL C 201 7.54 -13.97 11.36
CA VAL C 201 6.49 -13.16 12.01
C VAL C 201 5.49 -12.67 10.90
N ASN C 202 4.23 -13.06 11.03
CA ASN C 202 3.20 -12.86 10.06
C ASN C 202 1.91 -12.46 10.75
N ALA C 203 0.96 -11.97 9.99
CA ALA C 203 -0.32 -11.61 10.54
C ALA C 203 -1.38 -12.15 9.61
N VAL C 204 -2.54 -12.31 10.15
CA VAL C 204 -3.73 -12.72 9.42
C VAL C 204 -4.77 -11.66 9.68
N ALA C 205 -5.30 -11.02 8.64
CA ALA C 205 -6.27 -9.93 8.81
C ALA C 205 -7.65 -10.37 8.37
N PRO C 206 -8.49 -10.78 9.30
CA PRO C 206 -9.84 -11.19 8.93
C PRO C 206 -10.72 -10.03 8.45
N GLY C 207 -11.67 -10.34 7.58
CA GLY C 207 -12.74 -9.37 7.20
C GLY C 207 -13.96 -9.61 8.08
N PHE C 208 -15.10 -9.91 7.47
CA PHE C 208 -16.30 -10.18 8.22
C PHE C 208 -16.40 -11.67 8.46
N ILE C 209 -16.34 -12.06 9.71
CA ILE C 209 -16.41 -13.45 10.11
C ILE C 209 -17.71 -13.64 10.85
N ASP C 210 -18.33 -14.80 10.63
CA ASP C 210 -19.51 -15.23 11.35
C ASP C 210 -19.22 -15.38 12.85
N THR C 211 -19.60 -14.34 13.61
CA THR C 211 -19.74 -14.46 15.04
C THR C 211 -20.97 -13.59 15.52
N ASP C 212 -21.17 -13.54 16.82
CA ASP C 212 -22.29 -12.80 17.44
C ASP C 212 -22.57 -11.35 16.91
N MET C 213 -21.54 -10.55 16.72
CA MET C 213 -21.74 -9.22 16.12
C MET C 213 -22.55 -9.21 14.81
N THR C 214 -22.12 -10.05 13.88
CA THR C 214 -22.74 -10.08 12.55
C THR C 214 -24.03 -10.89 12.57
N ARG C 215 -24.08 -11.91 13.43
CA ARG C 215 -25.24 -12.80 13.50
C ARG C 215 -26.56 -12.08 13.79
N GLU C 216 -26.48 -10.97 14.50
CA GLU C 216 -27.69 -10.26 14.94
C GLU C 216 -28.00 -8.94 14.23
N LEU C 217 -27.49 -8.75 13.01
CA LEU C 217 -27.89 -7.58 12.24
C LEU C 217 -29.29 -7.76 11.61
N PRO C 218 -29.98 -6.64 11.33
CA PRO C 218 -31.24 -6.68 10.57
C PRO C 218 -31.03 -7.24 9.16
N GLU C 219 -32.02 -7.97 8.63
CA GLU C 219 -31.90 -8.60 7.30
C GLU C 219 -31.46 -7.66 6.16
N ALA C 220 -31.94 -6.43 6.13
CA ALA C 220 -31.53 -5.49 5.08
C ALA C 220 -30.05 -5.14 5.21
N GLN C 221 -29.57 -4.96 6.43
CA GLN C 221 -28.15 -4.61 6.65
C GLN C 221 -27.24 -5.82 6.36
N ARG C 222 -27.64 -7.01 6.80
CA ARG C 222 -26.94 -8.24 6.47
C ARG C 222 -26.81 -8.38 4.95
N GLU C 223 -27.91 -8.20 4.20
CA GLU C 223 -27.88 -8.36 2.75
C GLU C 223 -26.97 -7.31 2.07
N ALA C 224 -27.00 -6.08 2.56
CA ALA C 224 -26.11 -5.04 2.04
C ALA C 224 -24.63 -5.32 2.39
N LEU C 225 -24.38 -5.86 3.57
CA LEU C 225 -23.03 -6.31 3.95
C LEU C 225 -22.50 -7.43 3.04
N LEU C 226 -23.30 -8.48 2.85
CA LEU C 226 -22.95 -9.52 1.91
C LEU C 226 -22.65 -8.99 0.52
N GLY C 227 -23.40 -7.98 0.06
CA GLY C 227 -23.22 -7.38 -1.25
C GLY C 227 -21.92 -6.60 -1.41
N GLN C 228 -21.25 -6.28 -0.31
CA GLN C 228 -19.90 -5.74 -0.40
C GLN C 228 -18.78 -6.86 -0.36
N ILE C 229 -19.16 -8.13 -0.27
CA ILE C 229 -18.19 -9.24 -0.15
C ILE C 229 -18.32 -10.05 -1.40
N PRO C 230 -17.30 -10.02 -2.24
CA PRO C 230 -17.40 -10.78 -3.51
C PRO C 230 -17.84 -12.25 -3.35
N LEU C 231 -17.36 -12.96 -2.32
CA LEU C 231 -17.77 -14.38 -2.14
C LEU C 231 -19.20 -14.50 -1.65
N GLY C 232 -19.80 -13.41 -1.21
CA GLY C 232 -21.20 -13.43 -0.92
C GLY C 232 -21.56 -14.10 0.38
N ARG C 233 -20.60 -14.28 1.28
CA ARG C 233 -20.91 -14.89 2.56
C ARG C 233 -19.92 -14.38 3.61
N LEU C 234 -20.26 -14.56 4.87
CA LEU C 234 -19.35 -14.33 5.95
C LEU C 234 -18.32 -15.48 6.07
N GLY C 235 -17.15 -15.16 6.61
CA GLY C 235 -16.10 -16.17 6.78
C GLY C 235 -16.38 -16.98 8.01
N GLN C 236 -15.84 -18.17 8.06
CA GLN C 236 -15.96 -19.01 9.29
C GLN C 236 -14.70 -18.82 10.12
N ALA C 237 -14.84 -18.90 11.44
CA ALA C 237 -13.66 -18.91 12.32
C ALA C 237 -12.57 -19.96 11.91
N GLU C 238 -13.05 -21.12 11.50
CA GLU C 238 -12.21 -22.24 11.06
C GLU C 238 -11.36 -21.85 9.84
N GLU C 239 -11.89 -20.95 9.02
CA GLU C 239 -11.20 -20.51 7.83
C GLU C 239 -10.04 -19.53 8.18
N ILE C 240 -10.17 -18.80 9.28
CA ILE C 240 -9.02 -18.06 9.80
C ILE C 240 -8.02 -19.06 10.39
N ALA C 241 -8.53 -20.06 11.13
CA ALA C 241 -7.63 -21.02 11.79
C ALA C 241 -6.78 -21.81 10.81
N LYS C 242 -7.36 -22.15 9.67
CA LYS C 242 -6.57 -22.90 8.65
C LYS C 242 -5.37 -22.13 8.12
N VAL C 243 -5.54 -20.82 7.93
CA VAL C 243 -4.47 -19.98 7.40
C VAL C 243 -3.36 -19.92 8.46
N VAL C 244 -3.74 -19.83 9.71
CA VAL C 244 -2.77 -19.81 10.80
C VAL C 244 -2.00 -21.12 10.84
N GLY C 245 -2.72 -22.25 10.66
CA GLY C 245 -2.14 -23.54 10.76
C GLY C 245 -1.07 -23.67 9.65
N PHE C 246 -1.36 -23.20 8.45
CA PHE C 246 -0.36 -23.18 7.35
C PHE C 246 0.85 -22.29 7.74
N LEU C 247 0.61 -21.10 8.28
CA LEU C 247 1.70 -20.21 8.59
C LEU C 247 2.62 -20.83 9.63
N ALA C 248 2.04 -21.63 10.52
CA ALA C 248 2.84 -22.29 11.57
C ALA C 248 3.68 -23.44 11.09
N SER C 249 3.39 -23.96 9.89
CA SER C 249 4.04 -25.12 9.33
C SER C 249 5.40 -24.79 8.68
N ASP C 250 6.14 -25.84 8.43
CA ASP C 250 7.42 -25.76 7.73
C ASP C 250 7.38 -25.26 6.32
N GLY C 251 6.29 -25.46 5.63
CA GLY C 251 6.22 -24.99 4.25
C GLY C 251 5.97 -23.50 4.12
N ALA C 252 5.61 -22.85 5.24
CA ALA C 252 5.53 -21.41 5.29
C ALA C 252 6.84 -20.76 5.81
N ALA C 253 7.96 -21.50 5.73
CA ALA C 253 9.21 -21.02 6.30
C ALA C 253 9.80 -19.77 5.58
N TYR C 254 9.45 -19.52 4.34
CA TYR C 254 9.97 -18.36 3.60
C TYR C 254 8.97 -17.19 3.55
N VAL C 255 7.84 -17.34 4.22
CA VAL C 255 6.91 -16.27 4.40
C VAL C 255 7.25 -15.60 5.72
N THR C 256 7.66 -14.35 5.63
CA THR C 256 7.72 -13.57 6.85
C THR C 256 7.53 -12.08 6.53
N GLY C 257 6.98 -11.37 7.51
CA GLY C 257 6.63 -9.97 7.39
C GLY C 257 5.28 -9.76 6.73
N ALA C 258 4.58 -10.85 6.44
CA ALA C 258 3.44 -10.75 5.56
C ALA C 258 2.19 -10.62 6.34
N THR C 259 1.20 -9.96 5.75
CA THR C 259 -0.14 -9.95 6.38
C THR C 259 -1.11 -10.60 5.38
N VAL C 260 -1.67 -11.77 5.71
CA VAL C 260 -2.58 -12.47 4.83
C VAL C 260 -4.01 -12.02 5.07
N PRO C 261 -4.61 -11.31 4.11
CA PRO C 261 -6.03 -10.98 4.31
C PRO C 261 -6.94 -12.16 4.05
N VAL C 262 -7.89 -12.38 4.96
CA VAL C 262 -8.83 -13.46 4.87
C VAL C 262 -10.24 -12.84 4.99
N ASN C 263 -10.72 -12.33 3.88
CA ASN C 263 -11.86 -11.43 3.88
C ASN C 263 -12.87 -11.58 2.73
N GLY C 264 -12.77 -12.68 1.99
CA GLY C 264 -13.67 -12.98 0.88
C GLY C 264 -13.66 -11.95 -0.22
N GLY C 265 -12.59 -11.17 -0.28
CA GLY C 265 -12.39 -10.21 -1.38
C GLY C 265 -12.87 -8.80 -1.00
N MET C 266 -13.36 -8.61 0.22
CA MET C 266 -13.81 -7.29 0.70
C MET C 266 -12.57 -6.59 1.30
N TYR C 267 -11.97 -5.67 0.52
CA TYR C 267 -10.77 -4.89 0.98
C TYR C 267 -11.09 -3.43 1.43
N MET C 268 -10.85 -3.15 2.70
CA MET C 268 -11.21 -1.87 3.29
C MET C 268 -9.93 -1.35 3.88
N SER C 269 -9.63 -0.09 3.57
CA SER C 269 -8.37 0.59 3.89
C SER C 269 -8.65 2.07 4.27
N LEU D 18 -6.31 48.85 7.78
CA LEU D 18 -6.22 47.36 7.72
C LEU D 18 -6.01 46.83 6.26
N TYR D 19 -5.32 45.69 6.17
CA TYR D 19 -4.72 45.14 4.94
C TYR D 19 -5.28 43.76 4.74
N PHE D 20 -6.10 43.48 3.72
CA PHE D 20 -6.69 42.17 3.55
C PHE D 20 -6.14 41.42 2.32
N GLN D 21 -5.46 40.30 2.55
CA GLN D 21 -4.77 39.62 1.47
C GLN D 21 -5.77 38.70 0.83
N SER D 22 -5.68 38.50 -0.46
CA SER D 22 -6.70 37.68 -1.15
C SER D 22 -6.40 36.20 -1.20
N MET D 23 -5.16 35.83 -1.49
CA MET D 23 -4.80 34.43 -1.75
C MET D 23 -3.49 34.03 -1.04
N SER D 24 -3.58 34.02 0.27
CA SER D 24 -2.42 33.79 1.15
C SER D 24 -2.81 33.14 2.49
N LEU D 25 -1.84 32.87 3.37
CA LEU D 25 -2.16 32.31 4.68
C LEU D 25 -2.35 33.49 5.64
N GLN D 26 -2.50 34.71 5.13
CA GLN D 26 -2.64 35.88 6.02
C GLN D 26 -3.78 35.66 6.96
N GLY D 27 -3.59 36.04 8.22
CA GLY D 27 -4.64 35.90 9.21
C GLY D 27 -4.58 34.53 9.88
N LYS D 28 -3.66 33.64 9.45
CA LYS D 28 -3.56 32.34 10.09
C LYS D 28 -2.35 32.35 11.01
N VAL D 29 -2.49 31.63 12.11
CA VAL D 29 -1.43 31.36 13.04
C VAL D 29 -1.03 29.90 12.87
N ALA D 30 0.25 29.69 12.55
CA ALA D 30 0.81 28.37 12.30
C ALA D 30 1.78 28.00 13.45
N LEU D 31 1.60 26.81 13.99
CA LEU D 31 2.52 26.23 15.00
C LEU D 31 3.34 25.15 14.31
N VAL D 32 4.65 25.30 14.34
CA VAL D 32 5.54 24.38 13.72
C VAL D 32 6.48 23.85 14.78
N THR D 33 6.38 22.57 15.07
CA THR D 33 7.20 21.99 16.16
C THR D 33 8.53 21.57 15.61
N GLY D 34 9.58 21.72 16.40
CA GLY D 34 10.88 21.36 15.94
C GLY D 34 11.37 22.27 14.85
N ALA D 35 11.31 23.57 15.07
CA ALA D 35 11.64 24.50 13.97
C ALA D 35 13.04 25.13 14.00
N SER D 36 13.94 24.64 14.85
CA SER D 36 15.23 25.34 15.00
C SER D 36 16.24 25.05 13.89
N ARG D 37 16.06 23.99 13.14
CA ARG D 37 17.00 23.70 12.07
C ARG D 37 16.28 22.88 11.03
N GLY D 38 16.93 22.69 9.90
CA GLY D 38 16.60 21.68 8.95
C GLY D 38 15.17 21.88 8.39
N ILE D 39 14.48 20.76 8.32
CA ILE D 39 13.18 20.72 7.73
C ILE D 39 12.22 21.64 8.46
N GLY D 40 12.22 21.56 9.78
CA GLY D 40 11.32 22.39 10.58
C GLY D 40 11.54 23.90 10.35
N GLN D 41 12.79 24.29 10.27
CA GLN D 41 13.07 25.68 10.07
C GLN D 41 12.61 26.11 8.68
N ALA D 42 12.87 25.29 7.67
CA ALA D 42 12.45 25.66 6.31
C ALA D 42 10.92 25.78 6.22
N ILE D 43 10.23 24.91 6.95
CA ILE D 43 8.75 24.98 7.01
C ILE D 43 8.31 26.26 7.65
N ALA D 44 8.92 26.61 8.78
CA ALA D 44 8.60 27.87 9.45
C ALA D 44 8.77 29.09 8.54
N LEU D 45 9.87 29.11 7.79
CA LEU D 45 10.13 30.21 6.84
C LEU D 45 9.17 30.23 5.66
N GLU D 46 8.79 29.07 5.14
CA GLU D 46 7.84 28.95 4.05
C GLU D 46 6.43 29.37 4.46
N LEU D 47 5.97 28.98 5.64
CA LEU D 47 4.68 29.42 6.05
C LEU D 47 4.65 30.95 6.32
N GLY D 48 5.75 31.46 6.84
CA GLY D 48 5.88 32.91 7.05
C GLY D 48 5.85 33.67 5.73
N ARG D 49 6.59 33.20 4.74
CA ARG D 49 6.59 33.81 3.42
C ARG D 49 5.16 33.82 2.81
N LEU D 50 4.38 32.81 3.09
CA LEU D 50 3.00 32.73 2.62
C LEU D 50 2.03 33.60 3.45
N GLY D 51 2.55 34.27 4.48
CA GLY D 51 1.76 35.22 5.23
C GLY D 51 1.23 34.81 6.57
N ALA D 52 1.54 33.59 7.04
CA ALA D 52 1.09 33.20 8.38
C ALA D 52 1.91 33.90 9.43
N VAL D 53 1.29 34.06 10.60
CA VAL D 53 2.02 34.28 11.84
C VAL D 53 2.54 32.93 12.30
N VAL D 54 3.83 32.84 12.58
CA VAL D 54 4.46 31.56 12.83
C VAL D 54 5.11 31.43 14.21
N ILE D 55 4.65 30.45 14.98
CA ILE D 55 5.29 30.02 16.20
C ILE D 55 6.03 28.74 16.01
N GLY D 56 7.35 28.83 16.06
CA GLY D 56 8.24 27.68 15.95
C GLY D 56 8.64 27.22 17.33
N THR D 57 8.80 25.92 17.53
CA THR D 57 9.23 25.42 18.81
C THR D 57 10.48 24.61 18.81
N ALA D 58 11.11 24.57 20.00
CA ALA D 58 12.28 23.71 20.23
C ALA D 58 12.16 23.20 21.66
N THR D 59 13.00 22.23 21.99
CA THR D 59 13.02 21.63 23.31
C THR D 59 13.94 22.41 24.26
N SER D 60 14.70 23.36 23.75
CA SER D 60 15.58 24.15 24.61
C SER D 60 15.42 25.66 24.38
N ALA D 61 15.82 26.40 25.41
CA ALA D 61 15.77 27.83 25.37
C ALA D 61 16.60 28.34 24.23
N SER D 62 17.77 27.78 23.99
CA SER D 62 18.61 28.28 22.88
C SER D 62 17.96 28.02 21.51
N GLY D 63 17.35 26.84 21.33
CA GLY D 63 16.63 26.53 20.11
C GLY D 63 15.51 27.54 19.89
N ALA D 64 14.78 27.86 20.97
CA ALA D 64 13.71 28.82 20.90
C ALA D 64 14.20 30.20 20.46
N GLU D 65 15.37 30.58 20.98
CA GLU D 65 15.97 31.87 20.71
C GLU D 65 16.41 31.94 19.29
N LYS D 66 17.06 30.87 18.83
CA LYS D 66 17.46 30.76 17.45
C LYS D 66 16.28 30.87 16.47
N ILE D 67 15.18 30.24 16.82
CA ILE D 67 13.96 30.35 16.04
C ILE D 67 13.48 31.81 15.96
N ALA D 68 13.38 32.46 17.11
CA ALA D 68 12.89 33.85 17.19
C ALA D 68 13.76 34.78 16.37
N GLU D 69 15.08 34.55 16.41
CA GLU D 69 15.97 35.35 15.58
C GLU D 69 15.83 35.09 14.08
N THR D 70 15.66 33.82 13.71
CA THR D 70 15.51 33.45 12.32
C THR D 70 14.22 33.99 11.71
N LEU D 71 13.13 33.95 12.46
CA LEU D 71 11.91 34.61 12.05
C LEU D 71 12.05 36.13 11.82
N LYS D 72 12.65 36.83 12.79
CA LYS D 72 12.88 38.25 12.69
C LYS D 72 13.81 38.62 11.51
N ALA D 73 14.91 37.93 11.35
CA ALA D 73 15.78 38.14 10.19
C ALA D 73 15.05 38.04 8.83
N ASN D 74 14.04 37.16 8.73
CA ASN D 74 13.30 36.98 7.47
C ASN D 74 11.96 37.74 7.43
N GLY D 75 11.75 38.64 8.37
CA GLY D 75 10.56 39.46 8.34
C GLY D 75 9.29 38.70 8.64
N VAL D 76 9.39 37.63 9.43
CA VAL D 76 8.22 36.87 9.75
C VAL D 76 7.76 37.21 11.15
N GLU D 77 6.51 37.59 11.30
CA GLU D 77 5.91 37.73 12.63
C GLU D 77 5.65 36.39 13.30
N GLY D 78 5.96 36.32 14.58
CA GLY D 78 5.67 35.15 15.38
C GLY D 78 6.65 35.05 16.54
N ALA D 79 7.10 33.85 16.85
CA ALA D 79 7.83 33.64 18.11
C ALA D 79 8.52 32.31 18.09
N GLY D 80 9.55 32.19 18.92
CA GLY D 80 10.13 30.91 19.22
C GLY D 80 9.76 30.54 20.64
N LEU D 81 9.31 29.31 20.86
CA LEU D 81 8.89 28.85 22.16
C LEU D 81 9.55 27.52 22.50
N VAL D 82 9.68 27.24 23.80
CA VAL D 82 10.09 25.94 24.27
C VAL D 82 8.88 25.03 24.42
N LEU D 83 8.92 23.89 23.74
CA LEU D 83 7.85 22.90 23.82
C LEU D 83 8.42 21.52 23.81
N ASP D 84 7.87 20.71 24.68
CA ASP D 84 8.22 19.31 24.80
C ASP D 84 6.89 18.54 24.58
N VAL D 85 6.77 17.98 23.37
CA VAL D 85 5.53 17.35 22.90
C VAL D 85 5.20 16.08 23.68
N SER D 86 6.16 15.58 24.46
CA SER D 86 5.93 14.40 25.29
C SER D 86 5.30 14.73 26.60
N SER D 87 5.11 16.01 26.90
CA SER D 87 4.59 16.42 28.17
C SER D 87 3.21 17.12 28.08
N ASP D 88 2.20 16.57 28.76
CA ASP D 88 0.89 17.21 28.83
C ASP D 88 0.94 18.64 29.34
N GLU D 89 1.82 18.89 30.30
CA GLU D 89 1.95 20.22 30.93
C GLU D 89 2.56 21.19 29.92
N SER D 90 3.60 20.76 29.24
CA SER D 90 4.24 21.63 28.28
C SER D 90 3.28 21.97 27.14
N VAL D 91 2.56 20.95 26.67
CA VAL D 91 1.58 21.18 25.64
C VAL D 91 0.51 22.19 26.07
N ALA D 92 -0.10 21.98 27.25
CA ALA D 92 -1.21 22.84 27.65
C ALA D 92 -0.74 24.28 27.89
N ALA D 93 0.45 24.40 28.48
CA ALA D 93 1.04 25.70 28.82
C ALA D 93 1.40 26.46 27.56
N THR D 94 2.00 25.75 26.61
CA THR D 94 2.42 26.35 25.39
C THR D 94 1.21 26.84 24.58
N LEU D 95 0.16 26.03 24.50
CA LEU D 95 -1.06 26.45 23.79
C LEU D 95 -1.76 27.63 24.47
N GLU D 96 -1.83 27.63 25.80
CA GLU D 96 -2.44 28.75 26.56
C GLU D 96 -1.67 30.02 26.26
N HIS D 97 -0.34 29.96 26.29
CA HIS D 97 0.45 31.11 25.93
C HIS D 97 0.14 31.62 24.54
N ILE D 98 0.08 30.73 23.58
CA ILE D 98 -0.14 31.14 22.22
C ILE D 98 -1.53 31.76 22.09
N GLN D 99 -2.53 31.15 22.69
CA GLN D 99 -3.91 31.66 22.64
C GLN D 99 -3.99 33.10 23.12
N GLN D 100 -3.40 33.33 24.29
CA GLN D 100 -3.50 34.63 24.92
C GLN D 100 -2.81 35.71 24.11
N HIS D 101 -1.68 35.39 23.50
CA HIS D 101 -0.85 36.44 22.91
C HIS D 101 -1.01 36.54 21.42
N LEU D 102 -1.15 35.40 20.75
CA LEU D 102 -1.18 35.46 19.30
C LEU D 102 -2.50 35.07 18.66
N GLY D 103 -3.32 34.27 19.35
CA GLY D 103 -4.49 33.67 18.72
C GLY D 103 -4.43 32.13 18.65
N GLN D 104 -5.49 31.56 18.11
CA GLN D 104 -5.67 30.10 18.02
C GLN D 104 -4.85 29.54 16.82
N PRO D 105 -3.94 28.58 17.05
CA PRO D 105 -3.18 28.04 15.93
C PRO D 105 -4.08 27.09 15.12
N LEU D 106 -4.34 27.45 13.87
CA LEU D 106 -5.22 26.66 13.02
C LEU D 106 -4.46 25.88 11.94
N ILE D 107 -3.18 26.20 11.75
CA ILE D 107 -2.24 25.40 11.00
C ILE D 107 -1.23 24.81 11.97
N VAL D 108 -1.14 23.49 12.07
CA VAL D 108 -0.19 22.85 13.00
C VAL D 108 0.67 21.81 12.26
N VAL D 109 1.97 22.01 12.27
CA VAL D 109 2.91 21.16 11.60
C VAL D 109 3.73 20.44 12.65
N ASN D 110 3.56 19.12 12.72
CA ASN D 110 4.26 18.30 13.70
C ASN D 110 5.54 17.76 13.09
N ASN D 111 6.65 18.37 13.47
CA ASN D 111 7.94 17.95 12.95
C ASN D 111 8.87 17.47 14.06
N ALA D 112 8.56 17.80 15.31
CA ALA D 112 9.28 17.30 16.48
C ALA D 112 9.05 15.79 16.63
N GLY D 113 10.12 15.02 16.48
CA GLY D 113 10.15 13.63 16.89
C GLY D 113 11.43 13.39 17.68
N ILE D 114 11.50 12.29 18.38
CA ILE D 114 12.70 12.06 19.23
C ILE D 114 13.97 11.63 18.51
N ARG D 122 25.97 2.50 14.76
CA ARG D 122 25.29 2.11 15.99
C ARG D 122 23.72 1.92 15.94
N MET D 123 22.98 2.65 15.07
CA MET D 123 21.52 2.44 14.96
C MET D 123 21.30 0.99 14.67
N LYS D 124 20.52 0.31 15.51
CA LYS D 124 20.22 -1.12 15.36
C LYS D 124 18.76 -1.32 14.87
N ASP D 125 18.42 -2.52 14.40
CA ASP D 125 17.12 -2.72 13.82
C ASP D 125 16.08 -3.05 14.85
N ASP D 126 16.37 -2.79 16.13
CA ASP D 126 15.34 -2.96 17.18
C ASP D 126 14.78 -1.65 17.69
N GLU D 127 15.20 -0.52 17.12
CA GLU D 127 14.84 0.80 17.70
C GLU D 127 13.49 1.34 17.24
N TRP D 128 12.89 0.69 16.23
CA TRP D 128 11.66 1.11 15.66
C TRP D 128 10.56 1.19 16.68
N PHE D 129 10.44 0.25 17.57
CA PHE D 129 9.27 0.27 18.46
C PHE D 129 9.13 1.52 19.33
N ASP D 130 10.14 1.78 20.14
CA ASP D 130 10.11 2.91 21.06
CA ASP D 130 10.16 2.91 21.08
C ASP D 130 9.99 4.23 20.32
N VAL D 131 10.70 4.38 19.21
CA VAL D 131 10.67 5.63 18.46
C VAL D 131 9.31 5.90 17.86
N VAL D 132 8.73 4.89 17.22
CA VAL D 132 7.45 5.05 16.58
C VAL D 132 6.38 5.23 17.65
N ASN D 133 6.49 4.46 18.71
CA ASN D 133 5.47 4.53 19.76
C ASN D 133 5.47 5.89 20.49
N THR D 134 6.65 6.37 20.81
CA THR D 134 6.77 7.67 21.42
C THR D 134 6.27 8.78 20.47
N ASN D 135 6.69 8.75 19.22
CA ASN D 135 6.28 9.79 18.31
C ASN D 135 4.80 9.79 18.00
N LEU D 136 4.15 8.65 17.88
CA LEU D 136 2.74 8.66 17.59
C LEU D 136 2.01 9.14 18.81
N ASN D 137 2.52 8.79 19.99
CA ASN D 137 1.81 9.24 21.27
C ASN D 137 1.90 10.77 21.41
N SER D 138 3.03 11.33 20.98
CA SER D 138 3.19 12.76 20.89
C SER D 138 2.35 13.44 19.80
N LEU D 139 2.32 12.90 18.59
CA LEU D 139 1.42 13.41 17.61
C LEU D 139 0.00 13.48 18.11
N TYR D 140 -0.45 12.40 18.70
CA TYR D 140 -1.83 12.34 19.26
C TYR D 140 -2.08 13.41 20.30
N ARG D 141 -1.17 13.55 21.28
CA ARG D 141 -1.33 14.56 22.37
C ARG D 141 -1.48 15.99 21.84
N LEU D 142 -0.57 16.37 20.92
CA LEU D 142 -0.58 17.67 20.38
C LEU D 142 -1.84 17.88 19.55
N SER D 143 -2.14 16.90 18.70
CA SER D 143 -3.27 17.01 17.78
C SER D 143 -4.56 17.18 18.55
N LYS D 144 -4.73 16.38 19.59
CA LYS D 144 -5.92 16.47 20.38
C LYS D 144 -6.02 17.88 20.99
N ALA D 145 -4.93 18.40 21.51
CA ALA D 145 -4.99 19.70 22.14
C ALA D 145 -5.35 20.82 21.16
N VAL D 146 -4.76 20.84 19.98
CA VAL D 146 -5.04 21.93 19.06
C VAL D 146 -6.40 21.78 18.35
N LEU D 147 -7.00 20.59 18.33
CA LEU D 147 -8.30 20.36 17.66
C LEU D 147 -9.47 21.15 18.21
N ARG D 148 -9.45 21.43 19.50
CA ARG D 148 -10.54 22.22 20.09
C ARG D 148 -10.71 23.56 19.38
N GLY D 149 -9.61 24.27 19.20
CA GLY D 149 -9.61 25.55 18.52
C GLY D 149 -10.04 25.38 17.07
N MET D 150 -9.65 24.30 16.42
CA MET D 150 -10.00 24.10 15.00
C MET D 150 -11.46 23.71 14.87
N THR D 151 -11.95 22.89 15.80
CA THR D 151 -13.37 22.54 15.87
C THR D 151 -14.22 23.82 16.04
N LYS D 152 -13.83 24.70 16.95
CA LYS D 152 -14.57 25.92 17.17
C LYS D 152 -14.53 26.80 15.94
N ALA D 153 -13.39 26.90 15.25
CA ALA D 153 -13.33 27.74 14.06
C ALA D 153 -13.97 27.03 12.85
N ARG D 154 -14.25 25.73 12.93
CA ARG D 154 -14.63 24.92 11.76
C ARG D 154 -13.65 25.05 10.58
N TRP D 155 -12.37 25.06 10.90
CA TRP D 155 -11.34 25.02 9.87
C TRP D 155 -10.04 24.58 10.52
N GLY D 156 -9.22 23.85 9.79
CA GLY D 156 -7.92 23.49 10.30
C GLY D 156 -7.05 22.79 9.31
N ARG D 157 -5.77 22.79 9.59
CA ARG D 157 -4.78 22.01 8.86
C ARG D 157 -3.84 21.41 9.87
N ILE D 158 -3.76 20.09 9.92
CA ILE D 158 -2.73 19.39 10.66
C ILE D 158 -1.86 18.68 9.59
N ILE D 159 -0.56 18.87 9.67
CA ILE D 159 0.36 18.29 8.73
C ILE D 159 1.50 17.63 9.50
N ASN D 160 1.60 16.32 9.33
CA ASN D 160 2.55 15.53 10.07
C ASN D 160 3.79 15.27 9.19
N ILE D 161 4.94 15.59 9.72
CA ILE D 161 6.16 15.35 8.90
C ILE D 161 6.77 14.03 9.33
N GLY D 162 7.11 13.17 8.35
CA GLY D 162 7.77 11.90 8.66
C GLY D 162 9.26 12.05 8.90
N SER D 163 9.91 11.02 9.41
CA SER D 163 11.37 11.08 9.68
C SER D 163 12.13 10.68 8.43
N VAL D 164 13.25 11.32 8.23
CA VAL D 164 14.14 11.02 7.10
C VAL D 164 14.86 9.70 7.32
N VAL D 165 15.39 9.12 6.24
CA VAL D 165 16.19 7.94 6.37
C VAL D 165 17.38 8.26 7.27
N GLY D 166 17.52 7.53 8.39
CA GLY D 166 18.47 7.83 9.47
C GLY D 166 19.86 7.14 9.38
N ALA D 167 19.97 6.09 8.59
CA ALA D 167 21.18 5.30 8.46
C ALA D 167 21.14 4.47 7.17
N MET D 168 22.31 4.14 6.65
CA MET D 168 22.42 3.40 5.38
C MET D 168 22.06 1.91 5.24
N GLY D 169 22.21 1.08 6.25
CA GLY D 169 21.91 -0.36 6.07
C GLY D 169 20.49 -0.86 6.34
N ASN D 170 20.43 -2.12 6.68
CA ASN D 170 19.20 -2.78 7.05
C ASN D 170 18.44 -2.09 8.19
N ALA D 171 19.13 -1.79 9.28
CA ALA D 171 18.45 -1.15 10.39
C ALA D 171 17.81 0.20 9.95
N GLY D 172 18.56 0.96 9.19
CA GLY D 172 18.07 2.20 8.67
C GLY D 172 16.78 2.04 7.88
N GLN D 173 16.73 1.03 7.01
CA GLN D 173 15.49 0.74 6.29
C GLN D 173 14.31 0.31 7.17
N THR D 174 14.59 -0.64 8.06
CA THR D 174 13.61 -1.13 8.97
C THR D 174 12.93 -0.02 9.80
N ASN D 175 13.75 0.85 10.36
CA ASN D 175 13.25 1.93 11.22
C ASN D 175 12.52 3.01 10.42
N TYR D 176 13.04 3.35 9.25
CA TYR D 176 12.35 4.31 8.38
C TYR D 176 11.00 3.78 7.87
N ALA D 177 10.97 2.52 7.42
CA ALA D 177 9.70 1.92 6.90
C ALA D 177 8.64 1.85 8.01
N ALA D 178 9.07 1.50 9.21
CA ALA D 178 8.13 1.43 10.36
C ALA D 178 7.55 2.74 10.72
N ALA D 179 8.42 3.75 10.87
CA ALA D 179 7.95 5.10 11.19
C ALA D 179 6.99 5.62 10.09
N LYS D 180 7.32 5.38 8.80
CA LYS D 180 6.45 5.83 7.70
C LYS D 180 5.07 5.12 7.73
N ALA D 181 5.05 3.85 8.07
CA ALA D 181 3.79 3.07 8.15
C ALA D 181 2.94 3.57 9.30
N GLY D 182 3.54 3.84 10.43
CA GLY D 182 2.80 4.40 11.57
C GLY D 182 2.26 5.79 11.23
N LEU D 183 3.09 6.59 10.63
CA LEU D 183 2.65 7.94 10.19
C LEU D 183 1.45 7.94 9.19
N GLU D 184 1.57 7.15 8.15
CA GLU D 184 0.47 6.98 7.17
C GLU D 184 -0.87 6.58 7.81
N GLY D 185 -0.83 5.53 8.59
CA GLY D 185 -2.06 5.00 9.18
C GLY D 185 -2.64 5.95 10.16
N PHE D 186 -1.77 6.56 10.96
CA PHE D 186 -2.29 7.48 12.00
C PHE D 186 -2.96 8.71 11.34
N THR D 187 -2.30 9.22 10.33
CA THR D 187 -2.76 10.40 9.62
C THR D 187 -4.13 10.17 8.95
N ARG D 188 -4.29 8.99 8.34
CA ARG D 188 -5.50 8.65 7.65
C ARG D 188 -6.61 8.52 8.68
N ALA D 189 -6.33 7.84 9.80
CA ALA D 189 -7.37 7.68 10.84
C ALA D 189 -7.83 9.03 11.38
N LEU D 190 -6.89 9.89 11.78
CA LEU D 190 -7.22 11.17 12.34
C LEU D 190 -8.01 12.03 11.37
N ALA D 191 -7.59 12.02 10.11
CA ALA D 191 -8.39 12.70 9.07
C ALA D 191 -9.83 12.28 9.01
N ARG D 192 -10.08 10.97 9.12
CA ARG D 192 -11.44 10.47 9.16
C ARG D 192 -12.24 10.98 10.36
N GLU D 193 -11.62 11.05 11.51
CA GLU D 193 -12.27 11.46 12.70
C GLU D 193 -12.67 12.95 12.64
N VAL D 194 -11.83 13.80 12.08
CA VAL D 194 -12.07 15.24 12.17
C VAL D 194 -12.66 15.86 10.92
N GLY D 195 -12.80 15.05 9.87
CA GLY D 195 -13.15 15.59 8.53
C GLY D 195 -14.42 16.40 8.53
N SER D 196 -15.41 16.01 9.33
CA SER D 196 -16.71 16.66 9.23
C SER D 196 -16.60 18.15 9.63
N ARG D 197 -15.56 18.52 10.38
CA ARG D 197 -15.34 19.89 10.79
C ARG D 197 -14.50 20.73 9.83
N ALA D 198 -14.34 20.28 8.60
CA ALA D 198 -13.48 20.98 7.61
C ALA D 198 -12.01 21.17 8.07
N ILE D 199 -11.53 20.20 8.84
CA ILE D 199 -10.11 20.15 9.21
C ILE D 199 -9.46 19.07 8.39
N THR D 200 -8.40 19.39 7.62
CA THR D 200 -7.69 18.35 6.95
C THR D 200 -6.46 17.88 7.79
N VAL D 201 -6.10 16.60 7.60
CA VAL D 201 -4.93 16.00 8.25
C VAL D 201 -4.16 15.22 7.20
N ASN D 202 -2.94 15.67 6.97
CA ASN D 202 -2.10 15.07 5.97
C ASN D 202 -0.70 14.84 6.50
N ALA D 203 0.17 14.17 5.69
CA ALA D 203 1.48 13.94 6.11
C ALA D 203 2.37 14.14 4.89
N VAL D 204 3.62 14.42 5.19
CA VAL D 204 4.68 14.53 4.18
C VAL D 204 5.79 13.59 4.59
N ALA D 205 6.13 12.64 3.71
CA ALA D 205 7.11 11.63 4.03
C ALA D 205 8.39 11.84 3.23
N PRO D 206 9.42 12.41 3.84
CA PRO D 206 10.64 12.62 3.17
C PRO D 206 11.43 11.33 2.98
N GLY D 207 12.30 11.32 1.99
CA GLY D 207 13.26 10.23 1.76
C GLY D 207 14.62 10.58 2.32
N PHE D 208 15.62 10.66 1.47
CA PHE D 208 16.93 11.20 1.85
C PHE D 208 17.03 12.71 1.56
N ILE D 209 17.20 13.47 2.63
CA ILE D 209 17.37 14.92 2.59
C ILE D 209 18.86 15.13 3.10
N ASP D 210 19.50 16.24 2.71
CA ASP D 210 20.86 16.58 3.24
C ASP D 210 20.97 16.58 4.75
N THR D 211 21.76 15.66 5.35
CA THR D 211 21.98 15.59 6.80
C THR D 211 23.45 15.29 7.16
N ASP D 212 23.80 15.33 8.46
CA ASP D 212 25.12 14.90 8.92
C ASP D 212 25.40 13.48 8.51
N MET D 213 24.38 12.62 8.60
CA MET D 213 24.55 11.23 8.27
C MET D 213 25.00 11.11 6.81
N THR D 214 24.41 11.90 5.89
CA THR D 214 24.78 11.78 4.48
C THR D 214 26.08 12.53 4.16
N ARG D 215 26.32 13.62 4.89
CA ARG D 215 27.56 14.36 4.76
C ARG D 215 28.81 13.58 5.17
N GLU D 216 28.71 12.75 6.19
CA GLU D 216 29.87 12.06 6.70
C GLU D 216 30.07 10.74 5.93
N LEU D 217 29.44 10.57 4.77
CA LEU D 217 29.60 9.32 4.04
C LEU D 217 30.85 9.27 3.14
N PRO D 218 31.52 8.12 3.06
CA PRO D 218 32.56 7.94 2.05
C PRO D 218 32.04 8.10 0.60
N GLU D 219 32.85 8.65 -0.28
CA GLU D 219 32.41 8.90 -1.66
C GLU D 219 31.75 7.71 -2.39
N ALA D 220 32.25 6.50 -2.19
CA ALA D 220 31.63 5.34 -2.84
C ALA D 220 30.22 5.12 -2.30
N GLN D 221 30.01 5.34 -1.00
CA GLN D 221 28.70 5.11 -0.39
C GLN D 221 27.72 6.20 -0.86
N ARG D 222 28.19 7.44 -0.86
CA ARG D 222 27.39 8.54 -1.35
C ARG D 222 26.93 8.25 -2.78
N GLU D 223 27.84 7.83 -3.65
CA GLU D 223 27.47 7.55 -5.05
C GLU D 223 26.49 6.39 -5.16
N ALA D 224 26.67 5.34 -4.37
CA ALA D 224 25.73 4.22 -4.35
C ALA D 224 24.34 4.64 -3.81
N LEU D 225 24.32 5.51 -2.81
CA LEU D 225 23.07 6.10 -2.32
C LEU D 225 22.33 6.91 -3.41
N LEU D 226 23.04 7.83 -4.05
CA LEU D 226 22.46 8.56 -5.16
C LEU D 226 21.95 7.66 -6.28
N GLY D 227 22.63 6.56 -6.54
CA GLY D 227 22.17 5.58 -7.53
C GLY D 227 20.88 4.88 -7.16
N GLN D 228 20.43 4.94 -5.92
CA GLN D 228 19.11 4.38 -5.55
C GLN D 228 17.99 5.45 -5.61
N ILE D 229 18.34 6.67 -6.00
CA ILE D 229 17.39 7.76 -6.07
C ILE D 229 17.25 8.13 -7.54
N PRO D 230 16.08 7.89 -8.13
CA PRO D 230 15.93 8.18 -9.55
C PRO D 230 16.33 9.60 -9.96
N LEU D 231 15.98 10.62 -9.16
CA LEU D 231 16.39 11.99 -9.51
C LEU D 231 17.93 12.20 -9.40
N GLY D 232 18.64 11.29 -8.74
CA GLY D 232 20.08 11.38 -8.66
C GLY D 232 20.64 12.43 -7.72
N ARG D 233 19.87 12.85 -6.71
CA ARG D 233 20.35 13.83 -5.78
C ARG D 233 19.56 13.71 -4.49
N LEU D 234 20.10 14.28 -3.44
CA LEU D 234 19.41 14.42 -2.17
C LEU D 234 18.39 15.51 -2.25
N GLY D 235 17.38 15.43 -1.39
CA GLY D 235 16.35 16.46 -1.36
C GLY D 235 16.80 17.61 -0.49
N GLN D 236 16.21 18.78 -0.74
CA GLN D 236 16.51 19.96 0.06
C GLN D 236 15.39 20.09 1.08
N ALA D 237 15.73 20.59 2.26
CA ALA D 237 14.75 20.92 3.24
C ALA D 237 13.59 21.82 2.68
N GLU D 238 13.95 22.75 1.81
CA GLU D 238 13.01 23.72 1.21
C GLU D 238 11.97 23.00 0.38
N GLU D 239 12.39 21.88 -0.20
CA GLU D 239 11.52 21.10 -1.05
C GLU D 239 10.48 20.34 -0.25
N ILE D 240 10.80 20.00 1.01
CA ILE D 240 9.78 19.51 1.93
C ILE D 240 8.85 20.65 2.28
N ALA D 241 9.43 21.81 2.57
CA ALA D 241 8.64 22.94 3.04
C ALA D 241 7.58 23.41 2.03
N LYS D 242 7.95 23.40 0.78
CA LYS D 242 7.01 23.80 -0.31
C LYS D 242 5.74 22.92 -0.35
N VAL D 243 5.91 21.62 -0.13
CA VAL D 243 4.80 20.69 -0.12
C VAL D 243 3.91 20.97 1.08
N VAL D 244 4.53 21.27 2.22
CA VAL D 244 3.74 21.62 3.44
C VAL D 244 2.95 22.91 3.22
N GLY D 245 3.61 23.89 2.60
CA GLY D 245 2.97 25.19 2.32
C GLY D 245 1.74 25.04 1.42
N PHE D 246 1.86 24.21 0.40
CA PHE D 246 0.65 23.86 -0.40
C PHE D 246 -0.46 23.17 0.41
N LEU D 247 -0.09 22.21 1.25
CA LEU D 247 -1.12 21.51 2.01
C LEU D 247 -1.83 22.43 2.91
N ALA D 248 -1.12 23.43 3.45
CA ALA D 248 -1.76 24.38 4.34
C ALA D 248 -2.81 25.34 3.66
N SER D 249 -2.71 25.48 2.36
CA SER D 249 -3.49 26.41 1.58
C SER D 249 -4.91 25.95 1.32
N ASP D 250 -5.71 26.90 0.85
CA ASP D 250 -7.11 26.66 0.49
C ASP D 250 -7.30 25.72 -0.67
N GLY D 251 -6.39 25.70 -1.60
CA GLY D 251 -6.56 24.85 -2.71
C GLY D 251 -6.28 23.36 -2.43
N ALA D 252 -5.75 23.05 -1.24
CA ALA D 252 -5.53 21.67 -0.81
C ALA D 252 -6.68 21.26 0.12
N ALA D 253 -7.79 21.99 0.07
CA ALA D 253 -8.90 21.75 1.01
C ALA D 253 -9.55 20.41 0.81
N TYR D 254 -9.37 19.77 -0.36
CA TYR D 254 -9.99 18.46 -0.54
C TYR D 254 -9.03 17.30 -0.35
N VAL D 255 -7.76 17.61 -0.08
CA VAL D 255 -6.75 16.63 0.27
C VAL D 255 -6.81 16.39 1.77
N THR D 256 -7.14 15.18 2.16
CA THR D 256 -7.03 14.83 3.54
C THR D 256 -6.86 13.33 3.70
N GLY D 257 -6.13 12.96 4.71
CA GLY D 257 -5.80 11.59 4.97
C GLY D 257 -4.62 11.11 4.12
N ALA D 258 -4.03 12.01 3.37
CA ALA D 258 -3.00 11.63 2.40
C ALA D 258 -1.60 11.76 2.99
N THR D 259 -0.67 10.96 2.45
CA THR D 259 0.70 11.10 2.85
C THR D 259 1.41 11.36 1.53
N VAL D 260 1.99 12.55 1.37
CA VAL D 260 2.73 12.87 0.10
C VAL D 260 4.18 12.48 0.27
N PRO D 261 4.67 11.54 -0.58
CA PRO D 261 6.07 11.21 -0.48
C PRO D 261 6.90 12.25 -1.24
N VAL D 262 7.97 12.69 -0.61
CA VAL D 262 8.90 13.65 -1.19
C VAL D 262 10.29 13.03 -1.12
N ASN D 263 10.59 12.16 -2.07
CA ASN D 263 11.75 11.26 -1.93
C ASN D 263 12.55 11.05 -3.20
N GLY D 264 12.33 11.90 -4.19
CA GLY D 264 13.04 11.79 -5.49
C GLY D 264 12.81 10.48 -6.20
N GLY D 265 11.72 9.77 -5.84
CA GLY D 265 11.41 8.50 -6.50
C GLY D 265 12.00 7.28 -5.80
N MET D 266 12.69 7.48 -4.67
CA MET D 266 13.21 6.37 -3.87
C MET D 266 12.11 5.94 -2.91
N TYR D 267 11.44 4.82 -3.22
CA TYR D 267 10.37 4.22 -2.36
C TYR D 267 10.86 2.95 -1.60
N MET D 268 10.87 3.04 -0.29
CA MET D 268 11.30 1.95 0.56
C MET D 268 10.17 1.79 1.54
N SER D 269 9.76 0.55 1.75
CA SER D 269 8.66 0.16 2.65
C SER D 269 8.99 -1.14 3.35
CAF 36K E . -4.14 -3.11 -17.78
CAF 36K E . -3.91 -2.98 -11.75
CAE 36K E . -3.81 -4.24 -16.76
CAE 36K E . -2.80 -2.73 -12.74
NAD 36K E . -3.65 -3.71 -15.35
NAD 36K E . -3.17 -3.25 -14.06
CAC 36K E . -4.64 -3.88 -14.47
CAC 36K E . -4.33 -3.81 -14.22
CAB 36K E . -5.79 -4.47 -14.58
CAB 36K E . -5.29 -4.03 -13.34
CAA 36K E . -6.60 -4.53 -13.48
CAA 36K E . -6.42 -4.66 -13.77
CAI 36K E . -6.26 -3.95 -12.28
CAI 36K E . -6.51 -5.04 -15.10
CAJ 36K E . -5.06 -3.37 -12.23
CAJ 36K E . -5.46 -4.80 -15.98
CAK 36K E . -4.29 -3.35 -13.29
CAK 36K E . -4.41 -4.20 -15.50
NAL 36K E . -3.12 -2.83 -13.40
NAL 36K E . -3.31 -3.85 -16.14
CAM 36K E . -2.73 -3.03 -14.67
CAM 36K E . -2.56 -3.25 -15.25
NAN 36K E . -1.53 -2.57 -15.04
NAN 36K E . -1.36 -2.79 -15.54
CAO 36K E . -1.19 -2.46 -16.33
CAO 36K E . -0.94 -3.01 -16.79
OAT 36K E . -1.92 -2.80 -17.28
OAT 36K E . -1.62 -3.59 -17.62
NAP 36K E . 0.03 -1.92 -16.53
NAP 36K E . 0.26 -2.51 -17.07
CAQ 36K E . 0.76 -1.62 -15.45
CAQ 36K E . 0.89 -1.95 -16.03
CAU 36K E . 0.38 -1.91 -14.17
CAU 36K E . 0.40 -2.02 -14.76
CAV 36K E . 1.22 -1.56 -13.13
CAV 36K E . 1.12 -1.45 -13.73
CAW 36K E . 2.45 -0.94 -13.39
CAW 36K E . 2.33 -0.82 -13.97
CAS 36K E . 2.85 -0.66 -14.67
CAS 36K E . 2.84 -0.74 -15.26
CAR 36K E . 1.97 -1.01 -15.70
CAR 36K E . 2.11 -1.33 -16.29
OAG 36K E . 2.25 -0.79 -17.00
OAG 36K E . 2.51 -1.33 -17.59
CAH 36K E . 0.99 -0.81 -17.71
CAH 36K E . 1.69 -2.15 -18.43
CAF 36K F . 5.12 1.36 17.89
CAE 36K F . 4.17 0.25 17.44
NAD 36K F . 3.48 0.73 16.25
CAC 36K F . 4.10 0.48 15.05
CAB 36K F . 5.25 -0.22 14.82
CAA 36K F . 5.67 -0.36 13.49
CAI 36K F . 4.83 0.17 12.51
CAJ 36K F . 3.62 0.85 12.84
CAK 36K F . 3.29 0.98 14.11
NAL 36K F . 2.18 1.52 14.70
CAM 36K F . 2.31 1.35 16.03
NAN 36K F . 1.50 1.78 17.02
CAO 36K F . 0.34 2.41 16.78
OAT 36K F . -0.22 2.88 17.77
NAP 36K F . -0.07 2.61 15.43
CAQ 36K F . -1.18 3.27 15.07
CAU 36K F . -2.09 3.91 15.92
CAV 36K F . -3.22 4.56 15.41
CAW 36K F . -3.47 4.55 14.06
CAS 36K F . -2.61 3.88 13.20
CAR 36K F . -1.47 3.28 13.70
OAG 36K F . -0.55 2.63 12.94
CAH 36K F . -0.54 2.69 11.56
#